data_3QRY
#
_entry.id   3QRY
#
_cell.length_a   53.460
_cell.length_b   158.800
_cell.length_c   60.040
_cell.angle_alpha   90.00
_cell.angle_beta   107.19
_cell.angle_gamma   90.00
#
_symmetry.space_group_name_H-M   'P 1 21 1'
#
loop_
_entity.id
_entity.type
_entity.pdbx_description
1 polymer 'Putative uncharacterized protein'
2 non-polymer 1-DEOXYMANNOJIRIMYCIN
3 non-polymer 1,2-ETHANEDIOL
4 water water
#
_entity_poly.entity_id   1
_entity_poly.type   'polypeptide(L)'
_entity_poly.pdbx_seq_one_letter_code
;MVYSKEIVREWLDEVAERAKDYPEWVDVFERCYTDTLDNTVEILEDGSTFVLTGDIPAMWLRDSTAQLRPYLHVAKRDAL
LRQTIAGLVKRQMTLVLKDPYANSFNIEENWKGHHETDHTDLNGWIWERKYEVDSLCYPLQLAYLLWKETGETSQFDEIF
VAATKEILHLWTVEQDHKNSPYRFVRDTDRKEDTLVNDGFGPDFAVTGMTWSAFRPSDDCCQYSYLIPSNMFAVVVLGYV
QEIFAALNLADSQSVIADAKRLQDEIQEGIKNYAYTTNSKGEKIYAFEVDGLGNASIMDDPNVPSLLAAPYLGYCSVDDE
VYQATRRTILSSENPYFYQGEYASGLGSSHTFYRYIWPIALSIQGLTTRDKAEKKFLLDQLVACDGGTGVMHESFHVDDP
TLYSREWFSWANMMFCELVLDYLDIR
;
_entity_poly.pdbx_strand_id   B,A
#
loop_
_chem_comp.id
_chem_comp.type
_chem_comp.name
_chem_comp.formula
DMJ non-polymer 1-DEOXYMANNOJIRIMYCIN 'C6 H13 N O4'
EDO non-polymer 1,2-ETHANEDIOL 'C2 H6 O2'
#
# COMPACT_ATOMS: atom_id res chain seq x y z
N MET A 1 0.66 12.66 -12.85
CA MET A 1 1.14 14.07 -12.92
C MET A 1 2.64 14.21 -12.60
N VAL A 2 3.22 13.18 -12.00
CA VAL A 2 4.65 13.28 -11.64
C VAL A 2 5.56 12.39 -12.51
N TYR A 3 4.96 11.42 -13.22
CA TYR A 3 5.72 10.48 -14.05
C TYR A 3 4.77 9.82 -15.03
N SER A 4 5.36 9.11 -15.99
CA SER A 4 4.61 8.39 -17.01
C SER A 4 4.43 6.98 -16.51
N LYS A 5 3.19 6.59 -16.27
CA LYS A 5 2.92 5.24 -15.82
C LYS A 5 3.32 4.25 -16.88
N GLU A 6 3.09 4.58 -18.14
CA GLU A 6 3.53 3.68 -19.27
C GLU A 6 5.04 3.40 -19.29
N ILE A 7 5.83 4.47 -19.18
CA ILE A 7 7.29 4.35 -19.26
C ILE A 7 7.83 3.62 -18.02
N VAL A 8 7.32 3.96 -16.86
CA VAL A 8 7.81 3.37 -15.63
C VAL A 8 7.45 1.90 -15.54
N ARG A 9 6.22 1.56 -15.93
CA ARG A 9 5.83 0.15 -15.95
C ARG A 9 6.69 -0.65 -16.92
N GLU A 10 7.02 -0.09 -18.10
CA GLU A 10 7.86 -0.85 -19.03
C GLU A 10 9.28 -1.06 -18.46
N TRP A 11 9.82 -0.01 -17.84
CA TRP A 11 11.15 -0.11 -17.22
C TRP A 11 11.14 -1.17 -16.12
N LEU A 12 10.10 -1.17 -15.28
CA LEU A 12 9.98 -2.19 -14.22
C LEU A 12 9.84 -3.60 -14.81
N ASP A 13 9.08 -3.73 -15.88
CA ASP A 13 9.08 -5.01 -16.63
C ASP A 13 10.47 -5.50 -16.98
N GLU A 14 11.32 -4.59 -17.47
CA GLU A 14 12.66 -4.97 -17.88
C GLU A 14 13.51 -5.42 -16.71
N VAL A 15 13.42 -4.68 -15.60
CA VAL A 15 14.09 -5.05 -14.35
C VAL A 15 13.60 -6.41 -13.86
N ALA A 16 12.30 -6.65 -13.90
CA ALA A 16 11.74 -7.93 -13.42
C ALA A 16 12.29 -9.08 -14.27
N GLU A 17 12.46 -8.85 -15.57
CA GLU A 17 13.05 -9.84 -16.47
C GLU A 17 14.53 -10.11 -16.14
N ARG A 18 15.28 -9.03 -15.94
CA ARG A 18 16.64 -9.17 -15.50
C ARG A 18 16.75 -9.93 -14.19
N ALA A 19 15.78 -9.75 -13.31
CA ALA A 19 15.76 -10.41 -12.01
C ALA A 19 14.84 -11.62 -11.96
N LYS A 20 14.63 -12.27 -13.11
CA LYS A 20 13.64 -13.36 -13.10
C LYS A 20 13.98 -14.57 -12.21
N ASP A 21 15.26 -14.78 -11.91
CA ASP A 21 15.67 -15.83 -10.97
C ASP A 21 15.43 -15.48 -9.49
N TYR A 22 14.90 -14.28 -9.24
CA TYR A 22 14.79 -13.73 -7.88
C TYR A 22 13.38 -13.14 -7.66
N PRO A 23 12.33 -13.97 -7.80
CA PRO A 23 10.96 -13.51 -7.61
C PRO A 23 10.68 -12.82 -6.27
N GLU A 24 11.31 -13.29 -5.20
CA GLU A 24 11.12 -12.73 -3.87
C GLU A 24 11.61 -11.28 -3.88
N TRP A 25 12.72 -11.03 -4.58
CA TRP A 25 13.25 -9.66 -4.68
C TRP A 25 12.35 -8.76 -5.52
N VAL A 26 11.82 -9.30 -6.60
CA VAL A 26 10.95 -8.53 -7.52
C VAL A 26 9.68 -8.02 -6.85
N ASP A 27 9.03 -8.91 -6.09
CA ASP A 27 7.82 -8.60 -5.33
C ASP A 27 8.10 -7.37 -4.43
N VAL A 28 9.20 -7.40 -3.68
CA VAL A 28 9.52 -6.33 -2.75
C VAL A 28 9.96 -5.06 -3.51
N PHE A 29 10.83 -5.26 -4.50
CA PHE A 29 11.30 -4.12 -5.31
C PHE A 29 10.13 -3.30 -5.87
N GLU A 30 9.19 -3.98 -6.50
CA GLU A 30 8.05 -3.28 -7.13
C GLU A 30 7.20 -2.58 -6.08
N ARG A 31 6.92 -3.25 -4.97
CA ARG A 31 6.16 -2.65 -3.89
C ARG A 31 6.83 -1.36 -3.38
N CYS A 32 8.14 -1.44 -3.15
CA CYS A 32 8.91 -0.33 -2.65
C CYS A 32 8.94 0.84 -3.64
N TYR A 33 9.33 0.53 -4.85
CA TYR A 33 9.48 1.50 -5.91
C TYR A 33 8.15 2.22 -6.20
N THR A 34 7.05 1.47 -6.24
CA THR A 34 5.77 2.09 -6.60
C THR A 34 5.25 2.95 -5.46
N ASP A 35 5.40 2.46 -4.23
CA ASP A 35 4.90 3.23 -3.07
C ASP A 35 5.52 4.63 -2.94
N THR A 36 6.85 4.73 -3.03
CA THR A 36 7.51 6.06 -2.97
C THR A 36 7.01 6.98 -4.07
N LEU A 37 6.93 6.46 -5.30
CA LEU A 37 6.54 7.28 -6.44
C LEU A 37 5.07 7.75 -6.33
N ASP A 38 4.20 6.84 -5.90
CA ASP A 38 2.78 7.20 -5.82
C ASP A 38 2.35 7.92 -4.54
N ASN A 39 3.06 7.72 -3.44
CA ASN A 39 2.54 8.17 -2.15
C ASN A 39 3.39 9.22 -1.41
N THR A 40 4.56 9.53 -1.94
CA THR A 40 5.38 10.48 -1.21
C THR A 40 5.72 11.74 -2.04
N VAL A 41 5.40 11.76 -3.34
CA VAL A 41 5.90 12.83 -4.23
C VAL A 41 4.72 13.70 -4.65
N GLU A 42 4.78 14.99 -4.36
CA GLU A 42 3.76 15.87 -4.91
C GLU A 42 4.31 17.12 -5.57
N ILE A 43 3.57 17.59 -6.57
CA ILE A 43 3.96 18.77 -7.32
C ILE A 43 3.21 19.92 -6.69
N LEU A 44 3.95 20.96 -6.31
CA LEU A 44 3.36 22.14 -5.72
C LEU A 44 2.88 23.15 -6.75
N GLU A 45 2.25 24.19 -6.24
CA GLU A 45 1.56 25.17 -7.06
C GLU A 45 2.57 25.85 -8.01
N ASP A 46 3.81 26.03 -7.57
CA ASP A 46 4.85 26.65 -8.39
C ASP A 46 5.57 25.72 -9.37
N GLY A 47 5.12 24.46 -9.41
CA GLY A 47 5.69 23.46 -10.31
C GLY A 47 6.91 22.74 -9.74
N SER A 48 7.33 23.11 -8.53
CA SER A 48 8.39 22.38 -7.83
C SER A 48 7.83 21.16 -7.06
N THR A 49 8.73 20.33 -6.55
CA THR A 49 8.35 19.03 -6.01
C THR A 49 8.59 18.94 -4.52
N PHE A 50 7.59 18.41 -3.80
CA PHE A 50 7.70 18.21 -2.37
C PHE A 50 7.66 16.71 -2.11
N VAL A 51 8.61 16.19 -1.35
CA VAL A 51 8.61 14.76 -1.10
C VAL A 51 8.48 14.54 0.40
N LEU A 52 7.42 13.81 0.78
CA LEU A 52 7.10 13.49 2.16
C LEU A 52 8.07 12.42 2.64
N THR A 53 8.69 12.66 3.78
CA THR A 53 9.63 11.74 4.34
C THR A 53 8.87 10.55 4.88
N GLY A 54 7.77 10.87 5.57
CA GLY A 54 6.95 9.88 6.23
C GLY A 54 5.50 10.31 6.24
N ASP A 55 4.92 10.39 7.43
CA ASP A 55 3.47 10.51 7.60
C ASP A 55 3.06 11.82 8.28
N ILE A 56 3.66 12.92 7.83
CA ILE A 56 3.24 14.28 8.19
C ILE A 56 3.86 15.21 7.17
N PRO A 57 3.34 16.47 7.04
CA PRO A 57 3.64 17.23 5.81
C PRO A 57 4.99 17.96 5.88
N ALA A 58 6.05 17.16 6.05
CA ALA A 58 7.41 17.65 6.23
C ALA A 58 8.41 16.84 5.43
N MET A 59 9.39 17.54 4.89
CA MET A 59 10.36 16.95 3.96
C MET A 59 11.74 17.13 4.56
N TRP A 60 12.53 16.06 4.65
CA TRP A 60 13.93 16.19 5.07
C TRP A 60 14.77 16.38 3.79
N LEU A 61 15.79 17.24 3.82
CA LEU A 61 16.65 17.38 2.62
C LEU A 61 17.34 16.03 2.38
N ARG A 62 17.70 15.34 3.46
CA ARG A 62 18.33 14.03 3.35
C ARG A 62 17.38 12.98 2.76
N ASP A 63 16.26 12.69 3.44
CA ASP A 63 15.41 11.61 2.92
C ASP A 63 14.95 11.85 1.46
N SER A 64 14.58 13.10 1.16
CA SER A 64 14.02 13.41 -0.17
C SER A 64 15.03 13.10 -1.28
N THR A 65 16.30 13.38 -1.03
CA THR A 65 17.34 13.03 -2.04
C THR A 65 17.45 11.53 -2.25
N ALA A 66 17.56 10.80 -1.13
CA ALA A 66 17.77 9.35 -1.21
C ALA A 66 16.54 8.61 -1.73
N GLN A 67 15.37 9.19 -1.46
CA GLN A 67 14.08 8.68 -1.95
C GLN A 67 13.99 8.77 -3.46
N LEU A 68 14.48 9.86 -4.04
CA LEU A 68 14.33 10.05 -5.47
C LEU A 68 15.50 9.55 -6.33
N ARG A 69 16.64 9.31 -5.69
CA ARG A 69 17.83 8.94 -6.44
C ARG A 69 17.64 7.72 -7.38
N PRO A 70 16.93 6.67 -6.93
CA PRO A 70 16.87 5.48 -7.82
C PRO A 70 15.95 5.67 -9.01
N TYR A 71 15.23 6.79 -9.04
CA TYR A 71 14.39 7.10 -10.20
C TYR A 71 15.20 7.76 -11.30
N LEU A 72 16.45 8.10 -11.02
CA LEU A 72 17.34 8.64 -12.08
C LEU A 72 17.50 7.72 -13.27
N HIS A 73 17.51 6.42 -13.05
CA HIS A 73 17.62 5.49 -14.18
C HIS A 73 16.46 5.64 -15.17
N VAL A 74 15.23 5.62 -14.66
CA VAL A 74 14.09 5.68 -15.55
C VAL A 74 13.86 7.12 -16.05
N ALA A 75 14.37 8.09 -15.32
CA ALA A 75 14.29 9.49 -15.74
C ALA A 75 15.12 9.73 -17.02
N LYS A 76 15.95 8.76 -17.39
CA LYS A 76 16.69 8.85 -18.63
C LYS A 76 15.70 8.70 -19.78
N ARG A 77 14.58 8.02 -19.49
CA ARG A 77 13.53 7.72 -20.47
C ARG A 77 12.32 8.58 -20.31
N ASP A 78 11.96 8.84 -19.03
CA ASP A 78 10.71 9.48 -18.68
C ASP A 78 10.97 10.98 -18.45
N ALA A 79 10.67 11.78 -19.45
CA ALA A 79 10.99 13.21 -19.43
C ALA A 79 10.29 13.90 -18.28
N LEU A 80 9.01 13.58 -18.10
CA LEU A 80 8.21 14.17 -17.01
C LEU A 80 8.79 13.87 -15.62
N LEU A 81 9.17 12.62 -15.39
CA LEU A 81 9.83 12.29 -14.11
C LEU A 81 11.18 13.01 -13.99
N ARG A 82 11.93 13.13 -15.10
CA ARG A 82 13.10 13.99 -15.08
C ARG A 82 12.75 15.42 -14.57
N GLN A 83 11.64 16.04 -15.05
CA GLN A 83 11.25 17.39 -14.54
C GLN A 83 10.88 17.36 -13.06
N THR A 84 10.25 16.27 -12.65
CA THR A 84 9.86 16.13 -11.24
C THR A 84 11.09 16.14 -10.36
N ILE A 85 12.15 15.44 -10.80
CA ILE A 85 13.37 15.40 -10.00
C ILE A 85 14.06 16.78 -9.98
N ALA A 86 14.10 17.43 -11.16
CA ALA A 86 14.61 18.80 -11.23
C ALA A 86 13.83 19.73 -10.30
N GLY A 87 12.53 19.54 -10.23
CA GLY A 87 11.67 20.29 -9.35
C GLY A 87 11.97 20.03 -7.88
N LEU A 88 12.43 18.83 -7.55
CA LEU A 88 12.84 18.55 -6.18
C LEU A 88 14.11 19.34 -5.79
N VAL A 89 15.09 19.36 -6.71
CA VAL A 89 16.31 20.14 -6.46
C VAL A 89 15.90 21.61 -6.25
N LYS A 90 15.00 22.09 -7.08
CA LYS A 90 14.61 23.49 -7.02
C LYS A 90 13.97 23.81 -5.67
N ARG A 91 13.15 22.88 -5.20
CA ARG A 91 12.46 23.01 -3.90
C ARG A 91 13.49 22.95 -2.77
N GLN A 92 14.38 21.97 -2.83
CA GLN A 92 15.46 21.90 -1.84
C GLN A 92 16.28 23.19 -1.72
N MET A 93 16.69 23.73 -2.85
CA MET A 93 17.58 24.89 -2.81
C MET A 93 16.83 26.10 -2.27
N THR A 94 15.56 26.19 -2.64
CA THR A 94 14.68 27.26 -2.11
C THR A 94 14.59 27.20 -0.57
N LEU A 95 14.48 25.98 -0.05
CA LEU A 95 14.34 25.78 1.37
C LEU A 95 15.65 26.03 2.09
N VAL A 96 16.75 25.59 1.47
CA VAL A 96 18.08 25.96 1.98
C VAL A 96 18.19 27.48 2.20
N LEU A 97 17.69 28.27 1.26
CA LEU A 97 17.69 29.74 1.43
C LEU A 97 16.80 30.22 2.58
N LYS A 98 15.74 29.47 2.88
CA LYS A 98 14.84 29.79 4.01
C LYS A 98 15.54 29.67 5.36
N ASP A 99 16.38 28.64 5.51
CA ASP A 99 17.24 28.47 6.68
C ASP A 99 18.21 27.34 6.40
N PRO A 100 19.48 27.69 6.14
CA PRO A 100 20.43 26.63 5.79
C PRO A 100 20.83 25.76 7.00
N TYR A 101 20.37 26.08 8.21
CA TYR A 101 20.66 25.22 9.36
C TYR A 101 19.57 24.16 9.65
N ALA A 102 18.45 24.17 8.93
CA ALA A 102 17.33 23.26 9.26
C ALA A 102 17.45 21.93 8.50
N ASN A 103 17.13 20.83 9.18
CA ASN A 103 17.09 19.50 8.54
C ASN A 103 15.76 19.19 7.86
N SER A 104 14.66 19.80 8.37
CA SER A 104 13.33 19.43 7.90
C SER A 104 12.38 20.61 7.74
N PHE A 105 11.57 20.55 6.69
CA PHE A 105 10.79 21.71 6.23
C PHE A 105 9.35 21.38 6.01
N ASN A 106 8.50 22.34 6.33
CA ASN A 106 7.08 22.26 6.05
C ASN A 106 6.73 22.49 4.59
N ILE A 107 5.57 21.95 4.19
CA ILE A 107 5.09 22.08 2.82
C ILE A 107 4.77 23.54 2.45
N GLU A 108 4.32 24.31 3.45
CA GLU A 108 4.07 25.75 3.29
C GLU A 108 4.46 26.46 4.60
N GLU A 109 4.36 27.79 4.62
CA GLU A 109 4.74 28.53 5.80
C GLU A 109 3.63 28.41 6.85
N ASN A 110 3.58 27.25 7.52
CA ASN A 110 2.45 26.90 8.39
C ASN A 110 2.78 26.79 9.88
N TRP A 111 4.06 26.98 10.21
CA TRP A 111 4.57 26.86 11.59
C TRP A 111 4.36 25.51 12.27
N LYS A 112 4.16 24.45 11.48
CA LYS A 112 4.03 23.10 12.01
C LYS A 112 5.39 22.58 12.49
N GLY A 113 5.37 21.54 13.31
CA GLY A 113 6.62 20.97 13.81
C GLY A 113 6.92 21.21 15.27
N HIS A 114 8.21 21.39 15.56
CA HIS A 114 8.76 21.28 16.91
C HIS A 114 8.89 22.62 17.65
N HIS A 115 8.22 23.67 17.18
CA HIS A 115 8.46 25.02 17.72
C HIS A 115 8.19 25.17 19.22
N GLU A 116 7.23 24.40 19.75
CA GLU A 116 6.85 24.53 21.16
C GLU A 116 7.97 24.15 22.13
N THR A 117 8.81 23.21 21.72
CA THR A 117 9.85 22.69 22.58
C THR A 117 11.22 23.25 22.26
N ASP A 118 11.37 23.80 21.05
CA ASP A 118 12.68 24.19 20.56
C ASP A 118 13.03 25.65 20.71
N HIS A 119 14.18 25.92 21.32
CA HIS A 119 14.68 27.26 21.49
C HIS A 119 15.81 27.49 20.49
N THR A 120 15.46 28.17 19.41
CA THR A 120 16.40 28.46 18.31
C THR A 120 15.68 29.45 17.38
N ASP A 121 16.41 30.09 16.46
CA ASP A 121 15.77 30.97 15.47
C ASP A 121 14.92 30.17 14.51
N LEU A 122 13.61 30.45 14.48
CA LEU A 122 12.67 29.66 13.72
C LEU A 122 11.84 30.55 12.81
N ASN A 123 11.41 30.00 11.67
CA ASN A 123 10.37 30.60 10.83
C ASN A 123 9.32 29.54 10.48
N GLY A 124 8.25 29.97 9.81
CA GLY A 124 7.11 29.06 9.53
C GLY A 124 7.38 27.88 8.61
N TRP A 125 8.46 27.96 7.85
CA TRP A 125 8.81 26.88 6.95
C TRP A 125 9.52 25.72 7.64
N ILE A 126 9.95 25.93 8.89
CA ILE A 126 10.82 24.97 9.56
C ILE A 126 10.03 23.95 10.36
N TRP A 127 10.15 22.66 10.02
CA TRP A 127 9.54 21.60 10.82
C TRP A 127 10.46 21.33 12.02
N GLU A 128 11.75 21.14 11.72
CA GLU A 128 12.78 20.88 12.72
C GLU A 128 14.05 21.61 12.29
N ARG A 129 14.77 22.17 13.27
CA ARG A 129 15.99 22.93 12.99
C ARG A 129 17.20 22.26 13.64
N LYS A 130 17.35 20.96 13.41
CA LYS A 130 18.57 20.28 13.84
C LYS A 130 19.61 20.38 12.74
N TYR A 131 20.70 21.09 13.01
CA TYR A 131 21.75 21.24 12.00
C TYR A 131 22.62 20.00 11.84
N GLU A 132 22.60 19.49 10.61
CA GLU A 132 23.28 18.26 10.25
C GLU A 132 24.02 18.59 8.96
N VAL A 133 25.35 18.50 8.99
CA VAL A 133 26.17 18.86 7.81
C VAL A 133 25.64 18.16 6.53
N ASP A 134 25.28 16.88 6.67
CA ASP A 134 24.85 16.11 5.50
C ASP A 134 23.57 16.64 4.86
N SER A 135 22.70 17.31 5.64
CA SER A 135 21.47 17.92 5.09
C SER A 135 21.78 18.82 3.91
N LEU A 136 22.92 19.50 3.99
CA LEU A 136 23.35 20.44 2.94
C LEU A 136 24.13 19.75 1.83
N CYS A 137 24.74 18.59 2.12
CA CYS A 137 25.36 17.80 1.08
C CYS A 137 24.31 17.19 0.12
N TYR A 138 23.22 16.67 0.68
CA TYR A 138 22.32 15.89 -0.16
C TYR A 138 21.69 16.65 -1.38
N PRO A 139 21.31 17.94 -1.20
CA PRO A 139 20.75 18.61 -2.35
C PRO A 139 21.80 18.84 -3.44
N LEU A 140 23.04 19.11 -3.03
CA LEU A 140 24.14 19.27 -3.99
C LEU A 140 24.40 17.95 -4.72
N GLN A 141 24.34 16.85 -3.98
CA GLN A 141 24.48 15.53 -4.58
C GLN A 141 23.37 15.28 -5.59
N LEU A 142 22.13 15.54 -5.21
CA LEU A 142 21.02 15.32 -6.11
C LEU A 142 21.16 16.15 -7.40
N ALA A 143 21.49 17.44 -7.25
CA ALA A 143 21.66 18.31 -8.41
C ALA A 143 22.72 17.75 -9.36
N TYR A 144 23.82 17.27 -8.79
CA TYR A 144 24.91 16.70 -9.58
C TYR A 144 24.52 15.37 -10.24
N LEU A 145 23.92 14.46 -9.47
CA LEU A 145 23.49 13.15 -10.00
C LEU A 145 22.46 13.27 -11.13
N LEU A 146 21.56 14.23 -10.99
CA LEU A 146 20.52 14.47 -12.00
C LEU A 146 21.17 14.89 -13.33
N TRP A 147 22.07 15.85 -13.21
CA TRP A 147 22.90 16.32 -14.33
C TRP A 147 23.67 15.20 -15.01
N LYS A 148 24.46 14.47 -14.24
CA LYS A 148 25.21 13.35 -14.80
C LYS A 148 24.41 12.21 -15.40
N GLU A 149 23.34 11.79 -14.74
CA GLU A 149 22.56 10.64 -15.23
C GLU A 149 21.68 11.00 -16.42
N THR A 150 21.13 12.21 -16.42
CA THR A 150 20.13 12.58 -17.45
C THR A 150 20.53 13.73 -18.40
N GLY A 151 21.53 14.54 -17.97
CA GLY A 151 21.97 15.71 -18.76
C GLY A 151 21.20 16.96 -18.35
N GLU A 152 20.22 16.82 -17.45
CA GLU A 152 19.33 17.95 -17.08
C GLU A 152 20.10 19.08 -16.39
N THR A 153 19.83 20.32 -16.79
CA THR A 153 20.56 21.45 -16.25
C THR A 153 19.64 22.55 -15.72
N SER A 154 18.32 22.40 -15.86
CA SER A 154 17.42 23.49 -15.41
C SER A 154 17.46 23.75 -13.89
N GLN A 155 17.92 22.74 -13.12
CA GLN A 155 18.04 22.88 -11.66
C GLN A 155 19.13 23.89 -11.24
N PHE A 156 20.02 24.23 -12.17
CA PHE A 156 21.18 25.08 -11.89
C PHE A 156 20.81 26.52 -12.17
N ASP A 157 19.83 26.99 -11.42
CA ASP A 157 19.23 28.32 -11.60
C ASP A 157 19.75 29.32 -10.59
N GLU A 158 19.15 30.52 -10.51
CA GLU A 158 19.75 31.49 -9.57
C GLU A 158 19.58 31.13 -8.11
N ILE A 159 18.50 30.45 -7.79
CA ILE A 159 18.29 29.94 -6.43
C ILE A 159 19.37 28.89 -6.11
N PHE A 160 19.68 28.00 -7.07
CA PHE A 160 20.81 27.06 -6.90
C PHE A 160 22.13 27.78 -6.57
N VAL A 161 22.43 28.83 -7.32
CA VAL A 161 23.67 29.58 -7.16
C VAL A 161 23.67 30.24 -5.79
N ALA A 162 22.56 30.86 -5.42
CA ALA A 162 22.46 31.53 -4.11
C ALA A 162 22.58 30.55 -2.96
N ALA A 163 21.93 29.40 -3.10
CA ALA A 163 21.95 28.39 -2.04
C ALA A 163 23.36 27.78 -1.88
N THR A 164 24.04 27.52 -3.01
CA THR A 164 25.43 27.04 -2.99
C THR A 164 26.28 28.03 -2.21
N LYS A 165 26.10 29.32 -2.50
CA LYS A 165 26.83 30.35 -1.76
C LYS A 165 26.57 30.30 -0.24
N GLU A 166 25.30 30.09 0.12
CA GLU A 166 24.91 29.97 1.52
C GLU A 166 25.57 28.77 2.16
N ILE A 167 25.64 27.65 1.43
CA ILE A 167 26.25 26.42 1.98
C ILE A 167 27.74 26.63 2.22
N LEU A 168 28.43 27.25 1.26
CA LEU A 168 29.88 27.51 1.43
C LEU A 168 30.12 28.47 2.59
N HIS A 169 29.27 29.48 2.72
CA HIS A 169 29.43 30.45 3.81
C HIS A 169 29.25 29.75 5.15
N LEU A 170 28.19 28.95 5.24
CA LEU A 170 27.89 28.28 6.50
C LEU A 170 29.01 27.32 6.86
N TRP A 171 29.39 26.46 5.91
CA TRP A 171 30.42 25.49 6.26
C TRP A 171 31.73 26.14 6.67
N THR A 172 32.00 27.32 6.09
CA THR A 172 33.22 28.08 6.40
C THR A 172 33.13 28.65 7.82
N VAL A 173 32.01 29.31 8.14
CA VAL A 173 31.74 29.80 9.51
C VAL A 173 31.95 28.67 10.52
N GLU A 174 31.42 27.49 10.18
CA GLU A 174 31.45 26.35 11.09
C GLU A 174 32.79 25.59 11.16
N GLN A 175 33.81 26.05 10.39
CA GLN A 175 35.17 25.62 10.67
C GLN A 175 35.70 26.19 12.00
N ASP A 176 35.04 27.22 12.54
CA ASP A 176 35.27 27.64 13.93
C ASP A 176 33.93 27.97 14.59
N HIS A 177 33.34 26.98 15.23
CA HIS A 177 31.97 27.10 15.73
C HIS A 177 31.80 28.21 16.80
N LYS A 178 32.91 28.70 17.37
CA LYS A 178 32.82 29.87 18.27
C LYS A 178 32.15 31.08 17.58
N ASN A 179 32.32 31.19 16.26
CA ASN A 179 31.72 32.27 15.48
C ASN A 179 30.29 32.03 14.95
N SER A 180 29.68 30.92 15.36
CA SER A 180 28.41 30.50 14.79
C SER A 180 27.21 31.24 15.36
N PRO A 181 26.21 31.56 14.51
CA PRO A 181 24.97 32.16 14.99
C PRO A 181 23.94 31.11 15.45
N TYR A 182 24.28 29.82 15.34
CA TYR A 182 23.35 28.72 15.59
C TYR A 182 23.45 28.22 17.02
N ARG A 183 22.30 28.16 17.69
CA ARG A 183 22.20 27.56 19.01
C ARG A 183 20.93 26.75 18.99
N PHE A 184 20.91 25.65 19.73
CA PHE A 184 19.74 24.78 19.76
C PHE A 184 19.54 24.10 21.09
N VAL A 185 18.39 24.37 21.70
CA VAL A 185 17.98 23.69 22.93
C VAL A 185 16.56 23.21 22.74
N ARG A 186 16.34 21.92 22.98
CA ARG A 186 14.97 21.38 23.01
C ARG A 186 14.61 21.01 24.44
N ASP A 187 13.40 21.40 24.86
CA ASP A 187 12.88 21.03 26.18
C ASP A 187 12.48 19.56 26.11
N THR A 188 13.38 18.68 26.57
CA THR A 188 13.16 17.25 26.49
C THR A 188 14.03 16.53 27.51
N ASP A 189 13.59 15.35 27.95
CA ASP A 189 14.43 14.55 28.86
C ASP A 189 15.41 13.68 28.08
N ARG A 190 15.25 13.59 26.75
CA ARG A 190 16.09 12.75 25.93
C ARG A 190 17.31 13.53 25.47
N LYS A 191 18.48 13.21 26.02
CA LYS A 191 19.67 14.05 25.82
C LYS A 191 20.05 14.13 24.36
N GLU A 192 19.76 13.05 23.61
CA GLU A 192 20.15 12.94 22.18
C GLU A 192 19.46 13.98 21.31
N ASP A 193 18.37 14.56 21.82
CA ASP A 193 17.57 15.49 21.04
C ASP A 193 17.89 16.95 21.33
N THR A 194 18.94 17.21 22.10
CA THR A 194 19.34 18.59 22.40
C THR A 194 20.85 18.74 22.46
N LEU A 195 21.34 19.98 22.52
CA LEU A 195 22.78 20.24 22.52
C LEU A 195 23.24 20.64 23.92
N VAL A 196 24.39 20.12 24.31
CA VAL A 196 24.94 20.40 25.63
C VAL A 196 25.48 21.84 25.69
N ASN A 197 25.88 22.27 26.90
CA ASN A 197 26.31 23.66 27.10
C ASN A 197 25.28 24.69 26.61
N ASP A 198 24.04 24.53 27.08
CA ASP A 198 22.93 25.43 26.77
C ASP A 198 22.82 25.77 25.28
N GLY A 199 22.93 24.74 24.45
CA GLY A 199 22.68 24.89 23.01
C GLY A 199 23.88 25.13 22.14
N PHE A 200 25.06 25.22 22.75
CA PHE A 200 26.30 25.46 22.01
C PHE A 200 27.01 24.17 21.53
N GLY A 201 26.81 23.07 22.27
CA GLY A 201 27.46 21.83 21.92
C GLY A 201 28.75 21.62 22.67
N PRO A 202 29.37 20.44 22.48
CA PRO A 202 30.58 20.04 23.22
C PRO A 202 31.82 20.82 22.81
N ASP A 203 32.85 20.75 23.65
CA ASP A 203 34.09 21.48 23.39
C ASP A 203 34.81 20.90 22.18
N PHE A 204 35.57 21.74 21.49
CA PHE A 204 36.28 21.33 20.28
C PHE A 204 37.47 22.23 20.09
N ALA A 205 38.38 21.80 19.26
CA ALA A 205 39.39 22.68 18.68
C ALA A 205 39.06 22.86 17.22
N VAL A 206 39.69 23.87 16.62
CA VAL A 206 39.60 24.10 15.18
C VAL A 206 40.43 23.01 14.53
N THR A 207 39.89 22.32 13.52
CA THR A 207 40.62 21.24 12.86
C THR A 207 40.77 21.44 11.35
N GLY A 208 39.94 22.35 10.80
CA GLY A 208 39.77 22.45 9.36
C GLY A 208 38.50 21.75 8.87
N MET A 209 38.03 20.74 9.60
CA MET A 209 36.72 20.17 9.28
C MET A 209 35.60 21.10 9.68
N THR A 210 34.38 20.81 9.20
CA THR A 210 33.26 21.66 9.51
C THR A 210 32.37 21.00 10.59
N TRP A 211 31.91 21.83 11.52
CA TRP A 211 31.17 21.45 12.74
C TRP A 211 29.76 20.98 12.40
N SER A 212 29.27 19.96 13.10
CA SER A 212 27.87 19.58 13.01
C SER A 212 27.25 19.51 14.40
N ALA A 213 25.95 19.79 14.49
CA ALA A 213 25.20 19.69 15.75
C ALA A 213 24.69 18.27 15.95
N PHE A 214 24.04 17.77 14.91
CA PHE A 214 23.45 16.44 14.93
C PHE A 214 24.00 15.56 13.80
N ARG A 215 23.73 14.29 13.93
CA ARG A 215 24.12 13.26 12.98
C ARG A 215 23.00 13.08 11.96
N PRO A 216 23.29 12.33 10.88
CA PRO A 216 22.25 11.91 9.96
C PRO A 216 21.14 11.17 10.66
N SER A 217 21.41 10.56 11.82
CA SER A 217 20.35 9.88 12.57
C SER A 217 19.34 10.84 13.26
N ASP A 218 19.64 12.13 13.29
CA ASP A 218 18.91 13.20 14.06
C ASP A 218 19.21 13.24 15.56
N ASP A 219 20.17 12.42 16.00
CA ASP A 219 20.60 12.48 17.41
C ASP A 219 21.89 13.30 17.48
N CYS A 220 22.17 13.94 18.61
CA CYS A 220 23.26 14.90 18.61
C CYS A 220 24.60 14.21 18.51
N CYS A 221 25.55 14.90 17.88
CA CYS A 221 26.95 14.52 17.93
C CYS A 221 27.53 14.48 19.36
N GLN A 222 28.29 13.42 19.62
CA GLN A 222 29.07 13.33 20.85
C GLN A 222 30.29 14.26 20.75
N TYR A 223 31.02 14.14 19.63
CA TYR A 223 32.09 15.07 19.25
C TYR A 223 31.72 15.73 17.92
N SER A 224 32.19 16.96 17.71
CA SER A 224 31.52 17.84 16.75
C SER A 224 31.92 17.64 15.30
N TYR A 225 33.06 17.00 15.07
CA TYR A 225 33.50 16.73 13.70
C TYR A 225 33.14 15.31 13.29
N LEU A 226 32.07 15.23 12.50
CA LEU A 226 31.48 13.95 12.14
C LEU A 226 32.19 13.50 10.88
N ILE A 227 33.00 12.44 10.99
CA ILE A 227 33.85 12.05 9.85
C ILE A 227 33.05 11.71 8.56
N PRO A 228 32.00 10.89 8.66
CA PRO A 228 31.24 10.60 7.42
C PRO A 228 30.60 11.80 6.75
N SER A 229 30.15 12.81 7.53
CA SER A 229 29.56 13.98 6.92
C SER A 229 30.63 14.90 6.30
N ASN A 230 31.82 14.94 6.89
CA ASN A 230 32.91 15.72 6.30
C ASN A 230 33.41 15.02 5.04
N MET A 231 33.45 13.69 5.03
CA MET A 231 33.72 12.94 3.81
C MET A 231 32.74 13.33 2.69
N PHE A 232 31.47 13.40 3.04
CA PHE A 232 30.40 13.71 2.06
C PHE A 232 30.60 15.16 1.60
N ALA A 233 30.91 16.06 2.55
CA ALA A 233 31.18 17.44 2.16
C ALA A 233 32.33 17.54 1.14
N VAL A 234 33.41 16.81 1.37
CA VAL A 234 34.54 16.82 0.41
C VAL A 234 34.04 16.39 -0.98
N VAL A 235 33.24 15.34 -1.05
CA VAL A 235 32.75 14.86 -2.34
C VAL A 235 31.87 15.91 -3.04
N VAL A 236 30.91 16.51 -2.31
CA VAL A 236 29.98 17.46 -2.98
C VAL A 236 30.63 18.81 -3.30
N LEU A 237 31.68 19.16 -2.57
CA LEU A 237 32.45 20.36 -2.91
C LEU A 237 33.18 20.17 -4.22
N GLY A 238 33.54 18.92 -4.52
CA GLY A 238 34.09 18.54 -5.85
C GLY A 238 33.03 18.79 -6.92
N TYR A 239 31.83 18.33 -6.62
CA TYR A 239 30.73 18.47 -7.53
C TYR A 239 30.47 19.95 -7.82
N VAL A 240 30.49 20.79 -6.78
CA VAL A 240 30.23 22.23 -6.96
C VAL A 240 31.25 22.80 -7.96
N GLN A 241 32.51 22.45 -7.78
CA GLN A 241 33.54 22.92 -8.71
C GLN A 241 33.21 22.52 -10.14
N GLU A 242 32.80 21.27 -10.30
CA GLU A 242 32.52 20.74 -11.63
C GLU A 242 31.36 21.47 -12.29
N ILE A 243 30.30 21.70 -11.51
CA ILE A 243 29.07 22.25 -12.03
C ILE A 243 29.31 23.71 -12.42
N PHE A 244 29.95 24.47 -11.54
CA PHE A 244 30.14 25.89 -11.87
C PHE A 244 31.04 26.08 -13.09
N ALA A 245 32.02 25.20 -13.26
CA ALA A 245 32.95 25.33 -14.41
C ALA A 245 32.24 24.99 -15.69
N ALA A 246 31.48 23.90 -15.64
CA ALA A 246 30.79 23.34 -16.81
C ALA A 246 29.66 24.19 -17.34
N LEU A 247 28.97 24.89 -16.43
CA LEU A 247 27.74 25.59 -16.81
C LEU A 247 27.92 27.08 -16.83
N ASN A 248 29.13 27.52 -16.51
CA ASN A 248 29.44 28.95 -16.57
C ASN A 248 28.46 29.75 -15.76
N LEU A 249 28.19 29.23 -14.56
CA LEU A 249 27.28 29.91 -13.66
C LEU A 249 27.81 31.24 -13.13
N ALA A 250 26.90 32.08 -12.67
CA ALA A 250 27.29 33.37 -12.08
C ALA A 250 28.33 33.23 -10.97
N ASP A 251 29.33 34.11 -10.99
CA ASP A 251 30.42 34.16 -9.98
C ASP A 251 31.24 32.88 -9.87
N SER A 252 31.33 32.15 -10.98
CA SER A 252 31.97 30.84 -10.94
C SER A 252 33.42 30.91 -10.44
N GLN A 253 34.16 31.93 -10.84
CA GLN A 253 35.56 32.00 -10.44
C GLN A 253 35.68 32.05 -8.91
N SER A 254 34.86 32.89 -8.30
CA SER A 254 34.84 33.07 -6.84
C SER A 254 34.32 31.79 -6.12
N VAL A 255 33.22 31.25 -6.63
CA VAL A 255 32.61 30.05 -6.03
C VAL A 255 33.52 28.83 -6.16
N ILE A 256 34.07 28.61 -7.35
CA ILE A 256 35.00 27.50 -7.59
C ILE A 256 36.19 27.59 -6.65
N ALA A 257 36.83 28.76 -6.60
CA ALA A 257 37.96 28.94 -5.67
C ALA A 257 37.61 28.75 -4.20
N ASP A 258 36.44 29.27 -3.77
CA ASP A 258 35.95 29.05 -2.41
C ASP A 258 35.71 27.59 -2.06
N ALA A 259 35.01 26.89 -2.95
CA ALA A 259 34.75 25.47 -2.77
C ALA A 259 36.04 24.69 -2.71
N LYS A 260 37.02 25.05 -3.54
CA LYS A 260 38.28 24.32 -3.56
C LYS A 260 39.03 24.57 -2.27
N ARG A 261 39.06 25.83 -1.85
CA ARG A 261 39.75 26.19 -0.63
C ARG A 261 39.14 25.39 0.55
N LEU A 262 37.82 25.36 0.61
CA LEU A 262 37.16 24.70 1.72
C LEU A 262 37.34 23.19 1.62
N GLN A 263 37.21 22.61 0.42
CA GLN A 263 37.45 21.16 0.21
C GLN A 263 38.84 20.75 0.73
N ASP A 264 39.85 21.52 0.32
CA ASP A 264 41.23 21.26 0.75
C ASP A 264 41.41 21.36 2.25
N GLU A 265 40.81 22.37 2.86
CA GLU A 265 40.90 22.52 4.32
C GLU A 265 40.23 21.37 5.10
N ILE A 266 39.04 20.96 4.66
CA ILE A 266 38.36 19.78 5.25
C ILE A 266 39.18 18.50 5.03
N GLN A 267 39.70 18.32 3.80
CA GLN A 267 40.51 17.14 3.50
C GLN A 267 41.75 17.07 4.41
N GLU A 268 42.39 18.21 4.63
CA GLU A 268 43.55 18.28 5.54
C GLU A 268 43.14 18.02 7.02
N GLY A 269 41.99 18.55 7.42
CA GLY A 269 41.42 18.21 8.72
C GLY A 269 41.16 16.71 8.88
N ILE A 270 40.57 16.10 7.87
CA ILE A 270 40.39 14.65 7.90
C ILE A 270 41.76 13.96 8.08
N LYS A 271 42.75 14.33 7.25
CA LYS A 271 44.10 13.72 7.31
C LYS A 271 44.71 13.87 8.73
N ASN A 272 44.51 15.04 9.31
CA ASN A 272 45.12 15.37 10.59
C ASN A 272 44.39 14.82 11.82
N TYR A 273 43.10 14.56 11.71
CA TYR A 273 42.33 14.30 12.92
C TYR A 273 41.38 13.13 12.86
N ALA A 274 41.09 12.62 11.67
CA ALA A 274 40.00 11.66 11.53
C ALA A 274 40.38 10.22 11.86
N TYR A 275 41.67 9.93 12.03
CA TYR A 275 42.09 8.55 12.12
C TYR A 275 42.33 8.16 13.55
N THR A 276 42.11 6.88 13.81
CA THR A 276 42.37 6.30 15.09
C THR A 276 42.90 4.89 14.88
N THR A 277 42.92 4.07 15.93
CA THR A 277 43.54 2.77 15.89
C THR A 277 42.60 1.79 16.54
N ASN A 278 42.35 0.63 15.94
CA ASN A 278 41.49 -0.37 16.58
C ASN A 278 42.23 -1.32 17.57
N SER A 279 41.52 -2.33 18.08
CA SER A 279 42.11 -3.27 19.04
C SER A 279 43.36 -4.01 18.51
N LYS A 280 43.36 -4.29 17.21
CA LYS A 280 44.45 -4.98 16.56
C LYS A 280 45.60 -4.03 16.20
N GLY A 281 45.42 -2.73 16.42
CA GLY A 281 46.45 -1.78 16.06
C GLY A 281 46.41 -1.22 14.65
N GLU A 282 45.36 -1.55 13.92
CA GLU A 282 45.22 -1.07 12.54
C GLU A 282 44.67 0.35 12.48
N LYS A 283 45.15 1.13 11.51
CA LYS A 283 44.64 2.45 11.28
C LYS A 283 43.26 2.33 10.69
N ILE A 284 42.33 3.05 11.31
CA ILE A 284 40.93 3.16 10.90
C ILE A 284 40.43 4.58 10.98
N TYR A 285 39.31 4.85 10.33
CA TYR A 285 38.57 6.09 10.55
C TYR A 285 37.82 6.05 11.88
N ALA A 286 37.84 7.17 12.57
CA ALA A 286 36.94 7.38 13.72
C ALA A 286 35.57 7.84 13.17
N PHE A 287 34.54 7.76 14.00
CA PHE A 287 33.20 8.26 13.65
C PHE A 287 33.08 9.78 13.88
N GLU A 288 33.38 10.22 15.09
CA GLU A 288 33.36 11.64 15.47
C GLU A 288 34.63 11.93 16.21
N VAL A 289 35.19 13.10 15.95
CA VAL A 289 36.36 13.58 16.72
C VAL A 289 36.12 15.02 17.13
N ASP A 290 36.83 15.50 18.16
CA ASP A 290 36.62 16.87 18.60
C ASP A 290 37.82 17.76 18.31
N GLY A 291 38.92 17.15 17.89
CA GLY A 291 40.17 17.86 17.63
C GLY A 291 40.96 18.09 18.90
N LEU A 292 40.45 17.56 20.03
CA LEU A 292 41.11 17.64 21.37
C LEU A 292 41.75 16.33 21.78
N GLY A 293 41.69 15.34 20.88
CA GLY A 293 42.27 14.02 21.13
C GLY A 293 41.25 12.91 21.30
N ASN A 294 39.96 13.26 21.44
CA ASN A 294 38.92 12.25 21.52
C ASN A 294 38.47 11.81 20.14
N ALA A 295 38.25 10.51 19.98
CA ALA A 295 37.81 10.02 18.68
C ALA A 295 37.03 8.74 18.93
N SER A 296 35.76 8.68 18.50
CA SER A 296 34.95 7.47 18.76
C SER A 296 35.21 6.35 17.75
N ILE A 297 35.17 5.11 18.22
CA ILE A 297 35.21 3.92 17.34
C ILE A 297 33.79 3.32 17.34
N MET A 298 33.09 3.55 16.24
CA MET A 298 31.71 3.08 16.03
C MET A 298 31.29 3.41 14.61
N ASP A 299 30.06 3.06 14.27
CA ASP A 299 29.41 3.63 13.07
C ASP A 299 27.94 3.65 13.35
N ASP A 300 27.20 4.48 12.61
CA ASP A 300 25.76 4.58 12.75
C ASP A 300 25.16 4.18 11.37
N PRO A 301 24.00 3.49 11.38
CA PRO A 301 23.45 3.01 10.12
C PRO A 301 23.01 4.11 9.17
N ASN A 302 22.71 5.30 9.70
CA ASN A 302 22.26 6.40 8.87
C ASN A 302 23.33 6.84 7.88
N VAL A 303 22.93 7.20 6.66
CA VAL A 303 23.90 7.63 5.62
C VAL A 303 23.89 9.17 5.53
N PRO A 304 25.08 9.82 5.49
CA PRO A 304 26.44 9.29 5.47
C PRO A 304 26.92 8.64 6.75
N SER A 305 27.46 7.44 6.55
CA SER A 305 28.06 6.61 7.59
C SER A 305 29.49 6.28 7.13
N LEU A 306 30.35 5.79 8.02
CA LEU A 306 31.69 5.37 7.60
C LEU A 306 31.56 4.20 6.62
N LEU A 307 30.64 3.29 6.93
CA LEU A 307 30.44 2.12 6.05
C LEU A 307 30.11 2.54 4.61
N ALA A 308 29.43 3.67 4.47
CA ALA A 308 28.97 4.14 3.13
C ALA A 308 30.01 4.98 2.37
N ALA A 309 31.23 5.11 2.92
CA ALA A 309 32.22 6.03 2.31
C ALA A 309 32.46 5.74 0.82
N PRO A 310 32.55 4.46 0.41
CA PRO A 310 32.76 4.24 -1.03
C PRO A 310 31.49 4.56 -1.84
N TYR A 311 30.33 4.30 -1.23
CA TYR A 311 29.04 4.51 -1.89
C TYR A 311 28.82 6.01 -2.16
N LEU A 312 29.31 6.83 -1.22
CA LEU A 312 29.22 8.31 -1.32
C LEU A 312 30.27 8.89 -2.28
N GLY A 313 31.22 8.06 -2.68
CA GLY A 313 32.29 8.44 -3.60
C GLY A 313 33.54 9.00 -2.97
N TYR A 314 33.70 8.81 -1.67
CA TYR A 314 34.81 9.42 -0.94
C TYR A 314 36.10 8.66 -1.16
N CYS A 315 35.99 7.34 -1.18
CA CYS A 315 37.19 6.52 -1.33
C CYS A 315 36.86 5.23 -2.05
N SER A 316 37.88 4.51 -2.52
CA SER A 316 37.66 3.24 -3.17
C SER A 316 37.19 2.22 -2.16
N VAL A 317 36.38 1.27 -2.61
CA VAL A 317 36.01 0.13 -1.75
C VAL A 317 37.27 -0.69 -1.39
N ASP A 318 38.28 -0.59 -2.25
CA ASP A 318 39.52 -1.38 -2.09
C ASP A 318 40.50 -0.77 -1.06
N ASP A 319 40.23 0.48 -0.66
CA ASP A 319 41.18 1.20 0.22
C ASP A 319 41.43 0.45 1.52
N GLU A 320 42.72 0.31 1.88
CA GLU A 320 43.14 -0.43 3.09
C GLU A 320 42.52 0.11 4.39
N VAL A 321 42.58 1.43 4.58
CA VAL A 321 42.04 2.04 5.78
C VAL A 321 40.52 1.80 5.82
N TYR A 322 39.86 2.02 4.67
CA TYR A 322 38.44 1.73 4.63
C TYR A 322 38.14 0.30 5.02
N GLN A 323 38.84 -0.66 4.41
CA GLN A 323 38.56 -2.06 4.77
C GLN A 323 38.77 -2.39 6.27
N ALA A 324 39.83 -1.84 6.87
CA ALA A 324 40.09 -2.08 8.27
C ALA A 324 38.97 -1.48 9.08
N THR A 325 38.51 -0.30 8.67
CA THR A 325 37.38 0.35 9.33
C THR A 325 36.14 -0.53 9.19
N ARG A 326 35.90 -1.02 7.97
CA ARG A 326 34.76 -1.92 7.70
C ARG A 326 34.73 -3.14 8.62
N ARG A 327 35.89 -3.83 8.76
CA ARG A 327 35.99 -5.02 9.61
C ARG A 327 35.67 -4.70 11.05
N THR A 328 36.10 -3.49 11.45
CA THR A 328 35.85 -3.01 12.81
C THR A 328 34.38 -2.66 13.05
N ILE A 329 33.78 -1.94 12.10
CA ILE A 329 32.35 -1.58 12.16
C ILE A 329 31.43 -2.78 12.24
N LEU A 330 31.78 -3.80 11.47
CA LEU A 330 30.96 -5.00 11.38
C LEU A 330 31.50 -6.07 12.32
N SER A 331 31.70 -5.66 13.57
CA SER A 331 32.15 -6.56 14.66
C SER A 331 31.70 -5.95 15.99
N SER A 332 31.75 -6.74 17.07
CA SER A 332 31.40 -6.22 18.40
C SER A 332 32.33 -5.12 18.95
N GLU A 333 33.42 -4.82 18.23
CA GLU A 333 34.24 -3.67 18.60
C GLU A 333 33.42 -2.40 18.42
N ASN A 334 32.48 -2.45 17.47
CA ASN A 334 31.52 -1.36 17.29
C ASN A 334 30.36 -1.57 18.29
N PRO A 335 30.10 -0.58 19.18
CA PRO A 335 29.10 -0.81 20.24
C PRO A 335 27.65 -0.90 19.73
N TYR A 336 27.47 -0.58 18.45
CA TYR A 336 26.14 -0.60 17.81
C TYR A 336 25.98 -1.81 16.93
N PHE A 337 26.99 -2.69 16.91
CA PHE A 337 26.91 -3.95 16.18
C PHE A 337 26.18 -5.00 17.04
N TYR A 338 25.06 -5.51 16.51
CA TYR A 338 24.20 -6.46 17.24
C TYR A 338 24.07 -7.78 16.47
N GLN A 339 24.14 -8.91 17.18
CA GLN A 339 24.07 -10.23 16.55
C GLN A 339 22.95 -11.05 17.12
N GLY A 340 22.11 -11.60 16.24
CA GLY A 340 21.09 -12.52 16.72
C GLY A 340 20.82 -13.65 15.78
N GLU A 341 19.67 -14.29 15.99
CA GLU A 341 19.33 -15.52 15.28
C GLU A 341 19.10 -15.33 13.78
N TYR A 342 18.46 -14.21 13.41
CA TYR A 342 18.04 -13.95 12.04
C TYR A 342 19.07 -13.18 11.23
N ALA A 343 19.87 -12.36 11.92
CA ALA A 343 20.76 -11.40 11.26
C ALA A 343 21.76 -10.81 12.25
N SER A 344 22.84 -10.26 11.70
CA SER A 344 23.73 -9.36 12.42
C SER A 344 23.89 -8.06 11.65
N GLY A 345 24.03 -6.96 12.38
CA GLY A 345 24.06 -5.65 11.72
C GLY A 345 24.14 -4.52 12.69
N LEU A 346 23.71 -3.34 12.21
CA LEU A 346 23.96 -2.10 12.93
C LEU A 346 22.70 -1.50 13.50
N GLY A 347 22.71 -1.30 14.82
CA GLY A 347 21.70 -0.49 15.50
C GLY A 347 22.14 0.96 15.62
N SER A 348 21.38 1.74 16.39
CA SER A 348 21.64 3.18 16.51
C SER A 348 21.17 3.70 17.87
N SER A 349 21.75 4.82 18.31
CA SER A 349 21.26 5.52 19.49
C SER A 349 19.78 5.83 19.31
N HIS A 350 19.38 5.92 18.03
CA HIS A 350 18.05 6.38 17.64
C HIS A 350 16.95 5.33 17.85
N THR A 351 17.35 4.07 17.95
CA THR A 351 16.40 2.94 18.00
C THR A 351 16.70 2.00 19.18
N PHE A 352 15.82 1.03 19.48
CA PHE A 352 16.03 0.12 20.63
C PHE A 352 17.21 -0.85 20.49
N TYR A 353 17.79 -1.24 21.63
CA TYR A 353 18.86 -2.23 21.66
C TYR A 353 18.37 -3.51 21.00
N ARG A 354 19.29 -4.10 20.26
CA ARG A 354 19.10 -5.29 19.44
C ARG A 354 18.31 -5.16 18.13
N TYR A 355 17.87 -3.94 17.82
CA TYR A 355 17.20 -3.69 16.53
C TYR A 355 18.25 -3.19 15.54
N ILE A 356 18.36 -3.81 14.37
CA ILE A 356 19.36 -3.37 13.37
C ILE A 356 18.64 -2.82 12.16
N TRP A 357 19.36 -2.08 11.35
CA TRP A 357 18.75 -1.33 10.25
C TRP A 357 18.93 -1.97 8.86
N PRO A 358 17.80 -2.19 8.17
CA PRO A 358 17.85 -2.52 6.76
C PRO A 358 18.71 -1.58 5.92
N ILE A 359 18.69 -0.28 6.16
CA ILE A 359 19.52 0.64 5.35
C ILE A 359 20.99 0.29 5.44
N ALA A 360 21.45 -0.10 6.63
CA ALA A 360 22.85 -0.49 6.75
C ALA A 360 23.19 -1.84 6.10
N LEU A 361 22.21 -2.76 6.08
CA LEU A 361 22.43 -4.02 5.32
C LEU A 361 22.54 -3.70 3.83
N SER A 362 21.74 -2.74 3.37
CA SER A 362 21.78 -2.38 1.95
C SER A 362 23.11 -1.74 1.61
N ILE A 363 23.56 -0.81 2.45
CA ILE A 363 24.82 -0.09 2.23
C ILE A 363 25.97 -1.11 2.32
N GLN A 364 25.82 -2.10 3.22
CA GLN A 364 26.85 -3.14 3.36
C GLN A 364 27.02 -3.88 2.01
N GLY A 365 25.89 -4.15 1.34
CA GLY A 365 25.94 -4.81 0.05
C GLY A 365 26.41 -3.86 -1.06
N LEU A 366 26.12 -2.56 -0.93
CA LEU A 366 26.49 -1.59 -1.95
C LEU A 366 27.98 -1.28 -1.87
N THR A 367 28.64 -1.77 -0.81
CA THR A 367 30.04 -1.43 -0.58
C THR A 367 30.91 -2.68 -0.45
N THR A 368 30.53 -3.69 -1.21
CA THR A 368 31.38 -4.87 -1.39
C THR A 368 31.35 -5.27 -2.84
N ARG A 369 32.50 -5.75 -3.35
CA ARG A 369 32.56 -6.26 -4.74
C ARG A 369 32.02 -7.68 -4.85
N ASP A 370 31.78 -8.31 -3.70
CA ASP A 370 31.47 -9.73 -3.67
C ASP A 370 29.99 -9.95 -3.96
N LYS A 371 29.66 -10.37 -5.18
CA LYS A 371 28.25 -10.53 -5.60
C LYS A 371 27.50 -11.55 -4.72
N ALA A 372 28.22 -12.53 -4.17
CA ALA A 372 27.59 -13.50 -3.26
C ALA A 372 27.18 -12.85 -1.95
N GLU A 373 27.98 -11.87 -1.50
CA GLU A 373 27.66 -11.14 -0.28
C GLU A 373 26.44 -10.23 -0.56
N LYS A 374 26.41 -9.59 -1.75
CA LYS A 374 25.22 -8.80 -2.15
C LYS A 374 23.94 -9.65 -2.15
N LYS A 375 24.00 -10.82 -2.77
CA LYS A 375 22.85 -11.71 -2.86
C LYS A 375 22.43 -12.18 -1.46
N PHE A 376 23.41 -12.53 -0.63
CA PHE A 376 23.10 -12.93 0.75
C PHE A 376 22.33 -11.85 1.50
N LEU A 377 22.78 -10.61 1.36
CA LEU A 377 22.16 -9.47 2.05
C LEU A 377 20.77 -9.16 1.51
N LEU A 378 20.60 -9.24 0.21
CA LEU A 378 19.27 -9.06 -0.35
C LEU A 378 18.34 -10.14 0.13
N ASP A 379 18.82 -11.39 0.17
CA ASP A 379 17.98 -12.47 0.68
C ASP A 379 17.62 -12.23 2.14
N GLN A 380 18.59 -11.74 2.93
CA GLN A 380 18.34 -11.45 4.35
C GLN A 380 17.31 -10.33 4.53
N LEU A 381 17.45 -9.26 3.75
CA LEU A 381 16.53 -8.12 3.80
C LEU A 381 15.09 -8.59 3.57
N VAL A 382 14.88 -9.43 2.55
CA VAL A 382 13.51 -9.85 2.29
C VAL A 382 13.02 -10.85 3.34
N ALA A 383 13.94 -11.64 3.88
CA ALA A 383 13.56 -12.68 4.85
C ALA A 383 13.24 -12.07 6.19
N CYS A 384 13.79 -10.87 6.44
CA CYS A 384 13.63 -10.17 7.70
C CYS A 384 12.66 -8.98 7.63
N ASP A 385 11.58 -9.11 6.85
CA ASP A 385 10.60 -8.04 6.63
C ASP A 385 9.35 -8.17 7.51
N GLY A 386 9.37 -9.14 8.41
CA GLY A 386 8.22 -9.46 9.26
C GLY A 386 6.97 -9.82 8.47
N GLY A 387 7.16 -10.29 7.24
CA GLY A 387 6.05 -10.70 6.36
C GLY A 387 5.35 -9.53 5.71
N THR A 388 5.93 -8.33 5.79
CA THR A 388 5.27 -7.12 5.30
C THR A 388 5.57 -6.80 3.82
N GLY A 389 6.66 -7.37 3.32
CA GLY A 389 7.11 -7.13 1.92
C GLY A 389 7.63 -5.73 1.68
N VAL A 390 7.96 -5.01 2.76
CA VAL A 390 8.64 -3.70 2.67
C VAL A 390 9.77 -3.60 3.68
N MET A 391 10.50 -2.48 3.62
CA MET A 391 11.68 -2.25 4.50
C MET A 391 11.34 -1.38 5.67
N HIS A 392 11.84 -1.78 6.85
CA HIS A 392 11.59 -1.03 8.05
C HIS A 392 12.80 -0.20 8.45
N GLU A 393 12.60 0.64 9.47
CA GLU A 393 13.72 1.44 10.04
C GLU A 393 14.70 0.51 10.77
N SER A 394 14.16 -0.34 11.65
CA SER A 394 14.97 -1.27 12.40
C SER A 394 14.14 -2.49 12.69
N PHE A 395 14.80 -3.64 12.86
CA PHE A 395 14.12 -4.88 13.30
C PHE A 395 14.99 -5.65 14.29
N HIS A 396 14.34 -6.34 15.22
CA HIS A 396 15.04 -7.12 16.24
C HIS A 396 15.74 -8.33 15.62
N VAL A 397 17.04 -8.49 15.91
CA VAL A 397 17.86 -9.53 15.30
C VAL A 397 17.35 -10.97 15.55
N ASP A 398 16.58 -11.17 16.62
CA ASP A 398 16.03 -12.48 17.01
C ASP A 398 14.58 -12.68 16.57
N ASP A 399 13.96 -11.62 16.02
CA ASP A 399 12.55 -11.66 15.63
C ASP A 399 12.18 -10.42 14.81
N PRO A 400 12.34 -10.50 13.48
CA PRO A 400 12.08 -9.36 12.61
C PRO A 400 10.59 -8.95 12.52
N THR A 401 9.67 -9.65 13.20
CA THR A 401 8.29 -9.20 13.30
C THR A 401 8.18 -8.08 14.33
N LEU A 402 9.27 -7.87 15.06
CA LEU A 402 9.43 -6.73 15.97
C LEU A 402 10.30 -5.72 15.24
N TYR A 403 9.73 -4.55 14.95
CA TYR A 403 10.43 -3.59 14.11
C TYR A 403 9.87 -2.22 14.31
N SER A 404 10.59 -1.21 13.82
CA SER A 404 10.12 0.16 13.91
C SER A 404 9.91 0.70 12.49
N ARG A 405 8.94 1.61 12.38
CA ARG A 405 8.56 2.32 11.16
C ARG A 405 7.98 1.42 10.10
N GLU A 406 6.66 1.31 10.10
CA GLU A 406 5.91 0.51 9.14
C GLU A 406 6.20 0.99 7.74
N TRP A 407 6.24 2.31 7.57
CA TRP A 407 6.49 2.92 6.27
C TRP A 407 7.68 3.84 6.25
N PHE A 408 8.76 3.36 5.62
CA PHE A 408 10.03 4.08 5.64
C PHE A 408 10.56 4.16 4.24
N SER A 409 10.22 5.24 3.52
CA SER A 409 10.47 5.31 2.08
C SER A 409 11.98 5.25 1.74
N TRP A 410 12.82 5.95 2.52
CA TRP A 410 14.27 5.89 2.31
C TRP A 410 14.78 4.45 2.41
N ALA A 411 14.33 3.67 3.42
CA ALA A 411 14.76 2.26 3.51
C ALA A 411 14.30 1.42 2.33
N ASN A 412 13.07 1.65 1.89
CA ASN A 412 12.54 0.97 0.72
C ASN A 412 13.40 1.25 -0.51
N MET A 413 13.81 2.50 -0.65
CA MET A 413 14.66 2.89 -1.78
C MET A 413 16.10 2.37 -1.73
N MET A 414 16.67 2.19 -0.54
CA MET A 414 18.03 1.66 -0.45
C MET A 414 17.99 0.18 -0.85
N PHE A 415 16.89 -0.51 -0.55
CA PHE A 415 16.77 -1.92 -1.00
C PHE A 415 16.79 -1.93 -2.54
N CYS A 416 16.07 -1.00 -3.14
CA CYS A 416 15.98 -0.89 -4.60
C CYS A 416 17.38 -0.64 -5.18
N GLU A 417 18.14 0.25 -4.55
CA GLU A 417 19.51 0.52 -4.96
C GLU A 417 20.38 -0.76 -5.01
N LEU A 418 20.28 -1.59 -3.98
CA LEU A 418 21.11 -2.77 -3.91
C LEU A 418 20.65 -3.81 -4.96
N VAL A 419 19.35 -3.93 -5.20
CA VAL A 419 18.88 -4.83 -6.28
C VAL A 419 19.47 -4.40 -7.64
N LEU A 420 19.35 -3.12 -7.94
CA LEU A 420 19.84 -2.59 -9.21
C LEU A 420 21.34 -2.78 -9.35
N ASP A 421 22.07 -2.56 -8.26
CA ASP A 421 23.52 -2.73 -8.24
C ASP A 421 23.88 -4.20 -8.49
N TYR A 422 23.18 -5.10 -7.79
CA TYR A 422 23.41 -6.55 -7.99
C TYR A 422 23.20 -6.95 -9.47
N LEU A 423 22.20 -6.33 -10.10
CA LEU A 423 21.85 -6.66 -11.50
C LEU A 423 22.69 -5.90 -12.54
N ASP A 424 23.67 -5.12 -12.07
CA ASP A 424 24.48 -4.26 -12.95
C ASP A 424 23.62 -3.34 -13.79
N ILE A 425 22.57 -2.79 -13.18
CA ILE A 425 21.78 -1.75 -13.82
C ILE A 425 22.31 -0.45 -13.30
N ARG A 426 22.90 0.33 -14.23
CA ARG A 426 23.87 1.36 -13.95
C ARG A 426 23.84 2.36 -15.10
N MET B 1 -0.25 -14.82 12.01
CA MET B 1 0.40 -13.68 11.39
C MET B 1 -0.42 -13.13 10.22
N VAL B 2 -1.66 -12.73 10.51
CA VAL B 2 -2.55 -12.20 9.48
C VAL B 2 -2.69 -10.67 9.45
N TYR B 3 -2.43 -9.99 10.58
CA TYR B 3 -2.50 -8.53 10.61
C TYR B 3 -1.74 -8.00 11.82
N SER B 4 -1.59 -6.67 11.88
CA SER B 4 -0.89 -6.04 13.01
CA SER B 4 -0.89 -5.99 12.98
C SER B 4 -1.93 -5.56 14.01
N LYS B 5 -1.92 -6.16 15.21
CA LYS B 5 -2.95 -5.78 16.16
C LYS B 5 -2.80 -4.31 16.50
N GLU B 6 -1.56 -3.82 16.56
CA GLU B 6 -1.28 -2.39 16.92
C GLU B 6 -1.89 -1.43 15.90
N ILE B 7 -1.65 -1.69 14.63
CA ILE B 7 -2.14 -0.79 13.61
C ILE B 7 -3.65 -0.83 13.49
N VAL B 8 -4.21 -2.04 13.51
CA VAL B 8 -5.66 -2.18 13.43
C VAL B 8 -6.32 -1.53 14.64
N ARG B 9 -5.74 -1.69 15.83
CA ARG B 9 -6.38 -1.06 17.02
C ARG B 9 -6.31 0.47 16.92
N GLU B 10 -5.23 1.01 16.36
CA GLU B 10 -5.13 2.45 16.22
C GLU B 10 -6.17 2.93 15.22
N TRP B 11 -6.35 2.18 14.13
CA TRP B 11 -7.32 2.57 13.11
C TRP B 11 -8.75 2.51 13.70
N LEU B 12 -9.06 1.44 14.44
CA LEU B 12 -10.37 1.34 15.12
C LEU B 12 -10.59 2.49 16.11
N ASP B 13 -9.55 2.85 16.86
CA ASP B 13 -9.55 4.06 17.66
C ASP B 13 -9.99 5.30 16.95
N GLU B 14 -9.42 5.55 15.77
CA GLU B 14 -9.77 6.72 15.00
C GLU B 14 -11.22 6.66 14.53
N VAL B 15 -11.66 5.48 14.10
CA VAL B 15 -13.07 5.29 13.70
C VAL B 15 -14.00 5.56 14.88
N ALA B 16 -13.65 5.08 16.07
CA ALA B 16 -14.49 5.24 17.23
C ALA B 16 -14.60 6.71 17.62
N GLU B 17 -13.51 7.46 17.43
CA GLU B 17 -13.52 8.90 17.72
C GLU B 17 -14.42 9.63 16.71
N ARG B 18 -14.32 9.24 15.45
CA ARG B 18 -15.23 9.81 14.45
C ARG B 18 -16.69 9.57 14.77
N ALA B 19 -16.96 8.38 15.31
CA ALA B 19 -18.33 7.94 15.63
C ALA B 19 -18.67 8.12 17.11
N LYS B 20 -18.01 9.05 17.79
CA LYS B 20 -18.17 9.11 19.25
C LYS B 20 -19.58 9.43 19.74
N ASP B 21 -20.37 10.15 18.93
CA ASP B 21 -21.78 10.44 19.28
C ASP B 21 -22.67 9.20 19.21
N TYR B 22 -22.12 8.11 18.66
CA TYR B 22 -22.91 6.89 18.44
C TYR B 22 -22.27 5.63 19.04
N PRO B 23 -22.16 5.59 20.39
CA PRO B 23 -21.55 4.48 21.12
C PRO B 23 -22.19 3.15 20.76
N GLU B 24 -23.47 3.13 20.43
CA GLU B 24 -24.13 1.88 20.10
C GLU B 24 -23.63 1.32 18.76
N TRP B 25 -23.30 2.21 17.82
CA TRP B 25 -22.71 1.78 16.55
C TRP B 25 -21.29 1.27 16.76
N VAL B 26 -20.54 1.99 17.57
CA VAL B 26 -19.15 1.64 17.84
C VAL B 26 -19.03 0.23 18.41
N ASP B 27 -19.87 -0.06 19.40
CA ASP B 27 -19.93 -1.37 20.05
C ASP B 27 -20.08 -2.49 19.01
N VAL B 28 -21.09 -2.34 18.13
CA VAL B 28 -21.35 -3.37 17.11
C VAL B 28 -20.23 -3.40 16.06
N PHE B 29 -19.79 -2.22 15.65
CA PHE B 29 -18.72 -2.13 14.62
C PHE B 29 -17.47 -2.92 15.06
N GLU B 30 -17.04 -2.68 16.30
CA GLU B 30 -15.81 -3.30 16.80
C GLU B 30 -15.96 -4.82 16.91
N ARG B 31 -17.12 -5.25 17.39
CA ARG B 31 -17.41 -6.66 17.53
C ARG B 31 -17.40 -7.40 16.18
N CYS B 32 -18.06 -6.82 15.18
CA CYS B 32 -18.12 -7.38 13.84
C CYS B 32 -16.74 -7.37 13.21
N TYR B 33 -16.08 -6.23 13.28
CA TYR B 33 -14.79 -6.06 12.59
C TYR B 33 -13.72 -6.99 13.18
N THR B 34 -13.69 -7.13 14.50
CA THR B 34 -12.73 -8.02 15.11
C THR B 34 -13.05 -9.51 14.90
N ASP B 35 -14.32 -9.87 14.94
CA ASP B 35 -14.67 -11.28 14.77
C ASP B 35 -14.21 -11.86 13.43
N THR B 36 -14.44 -11.11 12.33
CA THR B 36 -14.09 -11.57 10.98
C THR B 36 -12.59 -11.82 10.90
N LEU B 37 -11.84 -10.89 11.43
CA LEU B 37 -10.39 -10.91 11.29
C LEU B 37 -9.75 -12.05 12.10
N ASP B 38 -10.29 -12.25 13.29
CA ASP B 38 -9.74 -13.19 14.24
C ASP B 38 -10.28 -14.59 14.04
N ASN B 39 -11.51 -14.71 13.53
CA ASN B 39 -12.18 -16.03 13.51
C ASN B 39 -12.49 -16.62 12.14
N THR B 40 -12.33 -15.86 11.06
CA THR B 40 -12.70 -16.42 9.77
C THR B 40 -11.50 -16.52 8.83
N VAL B 41 -10.34 -15.97 9.19
CA VAL B 41 -9.22 -15.85 8.21
C VAL B 41 -8.05 -16.73 8.64
N GLU B 42 -7.58 -17.61 7.73
CA GLU B 42 -6.46 -18.54 8.02
C GLU B 42 -5.42 -18.50 6.90
N ILE B 43 -4.15 -18.46 7.27
CA ILE B 43 -3.08 -18.56 6.27
C ILE B 43 -2.75 -20.02 6.09
N LEU B 44 -2.75 -20.47 4.83
CA LEU B 44 -2.49 -21.87 4.50
C LEU B 44 -0.99 -22.20 4.40
N GLU B 45 -0.69 -23.50 4.31
CA GLU B 45 0.70 -23.98 4.22
C GLU B 45 1.45 -23.25 3.09
N ASP B 46 0.78 -23.09 1.96
CA ASP B 46 1.40 -22.46 0.78
C ASP B 46 1.47 -20.92 0.87
N GLY B 47 1.03 -20.36 1.99
CA GLY B 47 1.03 -18.92 2.20
C GLY B 47 -0.15 -18.17 1.61
N SER B 48 -1.13 -18.89 1.05
CA SER B 48 -2.35 -18.26 0.53
C SER B 48 -3.34 -18.09 1.70
N THR B 49 -4.45 -17.39 1.45
CA THR B 49 -5.41 -17.13 2.54
C THR B 49 -6.72 -17.81 2.30
N PHE B 50 -7.19 -18.55 3.31
CA PHE B 50 -8.53 -19.16 3.28
C PHE B 50 -9.46 -18.41 4.23
N VAL B 51 -10.67 -18.08 3.73
CA VAL B 51 -11.65 -17.39 4.58
C VAL B 51 -12.95 -18.19 4.63
N LEU B 52 -13.39 -18.59 5.82
CA LEU B 52 -14.70 -19.24 5.91
C LEU B 52 -15.86 -18.25 6.21
N THR B 53 -17.11 -18.65 5.90
CA THR B 53 -18.23 -17.68 5.97
C THR B 53 -18.70 -17.30 7.36
N GLY B 54 -18.28 -18.05 8.38
CA GLY B 54 -18.91 -17.95 9.69
C GLY B 54 -19.41 -19.31 10.08
N ASP B 55 -20.71 -19.42 10.39
CA ASP B 55 -21.24 -20.70 10.86
C ASP B 55 -21.49 -21.77 9.80
N ILE B 56 -21.16 -21.46 8.54
CA ILE B 56 -20.96 -22.52 7.53
C ILE B 56 -19.46 -22.64 7.23
N PRO B 57 -18.85 -23.80 7.57
CA PRO B 57 -17.40 -23.98 7.54
C PRO B 57 -16.82 -24.28 6.14
N ALA B 58 -17.05 -23.37 5.19
CA ALA B 58 -16.42 -23.45 3.87
C ALA B 58 -16.17 -22.03 3.38
N MET B 59 -15.45 -21.92 2.26
CA MET B 59 -15.16 -20.62 1.63
C MET B 59 -15.97 -20.39 0.37
N TRP B 60 -16.78 -19.35 0.37
CA TRP B 60 -17.45 -18.91 -0.85
C TRP B 60 -16.56 -17.85 -1.51
N LEU B 61 -16.44 -17.88 -2.83
CA LEU B 61 -15.73 -16.80 -3.53
C LEU B 61 -16.46 -15.46 -3.24
N ARG B 62 -17.80 -15.49 -3.17
CA ARG B 62 -18.60 -14.29 -2.86
C ARG B 62 -18.37 -13.81 -1.43
N ASP B 63 -18.72 -14.62 -0.42
CA ASP B 63 -18.54 -14.14 0.96
C ASP B 63 -17.10 -13.68 1.27
N SER B 64 -16.11 -14.44 0.81
CA SER B 64 -14.71 -14.15 1.19
C SER B 64 -14.29 -12.75 0.73
N THR B 65 -14.75 -12.35 -0.46
CA THR B 65 -14.45 -11.03 -0.99
C THR B 65 -15.10 -9.96 -0.14
N ALA B 66 -16.40 -10.14 0.07
CA ALA B 66 -17.22 -9.20 0.80
C ALA B 66 -16.75 -9.09 2.25
N GLN B 67 -16.27 -10.20 2.82
CA GLN B 67 -15.73 -10.20 4.19
C GLN B 67 -14.47 -9.35 4.33
N LEU B 68 -13.59 -9.39 3.32
CA LEU B 68 -12.28 -8.77 3.45
C LEU B 68 -12.27 -7.35 2.88
N ARG B 69 -13.23 -7.05 2.02
CA ARG B 69 -13.29 -5.70 1.42
C ARG B 69 -13.12 -4.51 2.42
N PRO B 70 -13.81 -4.52 3.58
CA PRO B 70 -13.69 -3.32 4.43
C PRO B 70 -12.32 -3.17 5.09
N TYR B 71 -11.52 -4.22 5.00
CA TYR B 71 -10.15 -4.18 5.57
C TYR B 71 -9.19 -3.45 4.64
N LEU B 72 -9.64 -3.16 3.42
CA LEU B 72 -8.77 -2.43 2.47
C LEU B 72 -8.38 -1.07 3.02
N HIS B 73 -9.23 -0.42 3.82
CA HIS B 73 -8.85 0.90 4.37
C HIS B 73 -7.61 0.79 5.29
N VAL B 74 -7.69 -0.07 6.30
CA VAL B 74 -6.56 -0.24 7.21
C VAL B 74 -5.36 -0.91 6.54
N ALA B 75 -5.61 -1.68 5.50
CA ALA B 75 -4.50 -2.28 4.72
C ALA B 75 -3.62 -1.24 4.00
N LYS B 76 -4.10 -0.01 3.89
CA LYS B 76 -3.25 1.10 3.35
C LYS B 76 -2.13 1.43 4.35
N ARG B 77 -2.36 1.09 5.62
CA ARG B 77 -1.40 1.27 6.74
C ARG B 77 -0.69 -0.04 7.15
N ASP B 78 -1.47 -1.12 7.20
CA ASP B 78 -0.99 -2.42 7.68
C ASP B 78 -0.48 -3.27 6.54
N ALA B 79 0.84 -3.27 6.34
CA ALA B 79 1.45 -4.03 5.27
C ALA B 79 1.14 -5.52 5.34
N LEU B 80 1.17 -6.09 6.54
CA LEU B 80 0.94 -7.54 6.71
C LEU B 80 -0.49 -7.91 6.26
N LEU B 81 -1.45 -7.10 6.66
CA LEU B 81 -2.85 -7.37 6.22
C LEU B 81 -3.01 -7.19 4.71
N ARG B 82 -2.26 -6.26 4.14
CA ARG B 82 -2.21 -6.10 2.68
C ARG B 82 -1.79 -7.44 2.02
N GLN B 83 -0.72 -8.04 2.54
CA GLN B 83 -0.26 -9.35 2.07
C GLN B 83 -1.31 -10.43 2.24
N THR B 84 -1.97 -10.41 3.40
CA THR B 84 -3.07 -11.32 3.67
C THR B 84 -4.15 -11.23 2.59
N ILE B 85 -4.60 -10.01 2.32
CA ILE B 85 -5.64 -9.82 1.29
C ILE B 85 -5.14 -10.27 -0.09
N ALA B 86 -3.87 -9.97 -0.42
CA ALA B 86 -3.28 -10.47 -1.67
C ALA B 86 -3.34 -11.99 -1.71
N GLY B 87 -3.03 -12.64 -0.59
CA GLY B 87 -3.06 -14.11 -0.51
C GLY B 87 -4.47 -14.66 -0.67
N LEU B 88 -5.48 -13.86 -0.30
CA LEU B 88 -6.88 -14.23 -0.57
C LEU B 88 -7.22 -14.24 -2.08
N VAL B 89 -6.78 -13.21 -2.79
CA VAL B 89 -6.93 -13.23 -4.28
C VAL B 89 -6.26 -14.49 -4.86
N LYS B 90 -5.06 -14.78 -4.37
CA LYS B 90 -4.33 -15.94 -4.89
C LYS B 90 -5.07 -17.24 -4.67
N ARG B 91 -5.60 -17.42 -3.47
CA ARG B 91 -6.42 -18.57 -3.16
C ARG B 91 -7.65 -18.62 -4.05
N GLN B 92 -8.36 -17.51 -4.18
CA GLN B 92 -9.58 -17.49 -4.96
C GLN B 92 -9.32 -17.90 -6.40
N MET B 93 -8.27 -17.34 -6.98
CA MET B 93 -7.96 -17.59 -8.39
C MET B 93 -7.51 -19.03 -8.58
N THR B 94 -6.75 -19.57 -7.63
CA THR B 94 -6.38 -21.00 -7.65
C THR B 94 -7.64 -21.89 -7.64
N LEU B 95 -8.60 -21.53 -6.78
CA LEU B 95 -9.84 -22.30 -6.68
C LEU B 95 -10.69 -22.19 -7.96
N VAL B 96 -10.75 -21.01 -8.55
CA VAL B 96 -11.40 -20.86 -9.88
C VAL B 96 -10.84 -21.85 -10.91
N LEU B 97 -9.53 -22.03 -10.92
CA LEU B 97 -8.88 -23.01 -11.83
C LEU B 97 -9.28 -24.44 -11.49
N LYS B 98 -9.49 -24.73 -10.21
CA LYS B 98 -9.90 -26.09 -9.79
C LYS B 98 -11.28 -26.40 -10.35
N ASP B 99 -12.18 -25.41 -10.32
CA ASP B 99 -13.49 -25.59 -10.93
C ASP B 99 -14.21 -24.24 -11.02
N PRO B 100 -14.27 -23.67 -12.23
CA PRO B 100 -14.84 -22.32 -12.37
C PRO B 100 -16.36 -22.26 -12.26
N TYR B 101 -17.01 -23.42 -12.20
CA TYR B 101 -18.47 -23.45 -11.96
C TYR B 101 -18.88 -23.54 -10.47
N ALA B 102 -17.94 -23.72 -9.55
CA ALA B 102 -18.29 -23.92 -8.12
C ALA B 102 -18.37 -22.60 -7.36
N ASN B 103 -19.35 -22.50 -6.46
CA ASN B 103 -19.53 -21.28 -5.59
C ASN B 103 -18.73 -21.37 -4.28
N SER B 104 -18.45 -22.59 -3.84
CA SER B 104 -17.88 -22.79 -2.50
CA SER B 104 -17.89 -22.80 -2.50
C SER B 104 -16.86 -23.92 -2.47
N PHE B 105 -15.81 -23.72 -1.68
CA PHE B 105 -14.70 -24.64 -1.67
C PHE B 105 -14.25 -25.01 -0.29
N ASN B 106 -13.60 -26.15 -0.22
CA ASN B 106 -13.00 -26.65 1.00
C ASN B 106 -11.57 -26.17 1.19
N ILE B 107 -11.12 -26.27 2.43
CA ILE B 107 -9.75 -25.87 2.79
C ILE B 107 -8.69 -26.77 2.12
N GLU B 108 -9.02 -28.05 1.96
CA GLU B 108 -8.18 -29.02 1.25
C GLU B 108 -9.04 -29.91 0.35
N GLU B 109 -8.40 -30.82 -0.38
CA GLU B 109 -9.15 -31.76 -1.21
C GLU B 109 -9.75 -32.85 -0.34
N ASN B 110 -10.75 -32.50 0.46
CA ASN B 110 -11.23 -33.37 1.56
C ASN B 110 -12.63 -33.95 1.44
N TRP B 111 -13.34 -33.61 0.35
CA TRP B 111 -14.72 -34.06 0.14
C TRP B 111 -15.73 -33.62 1.21
N LYS B 112 -15.48 -32.52 1.90
CA LYS B 112 -16.51 -32.02 2.78
C LYS B 112 -17.60 -31.40 1.89
N GLY B 113 -18.82 -31.28 2.41
CA GLY B 113 -19.87 -30.65 1.62
C GLY B 113 -20.87 -31.60 1.03
N HIS B 114 -21.38 -31.24 -0.14
CA HIS B 114 -22.66 -31.74 -0.63
C HIS B 114 -22.61 -32.88 -1.63
N HIS B 115 -21.43 -33.46 -1.81
CA HIS B 115 -21.27 -34.43 -2.89
C HIS B 115 -22.27 -35.61 -2.86
N GLU B 116 -22.72 -36.05 -1.68
CA GLU B 116 -23.61 -37.25 -1.62
C GLU B 116 -24.95 -37.04 -2.32
N THR B 117 -25.41 -35.79 -2.38
CA THR B 117 -26.70 -35.48 -2.96
C THR B 117 -26.60 -34.87 -4.33
N ASP B 118 -25.39 -34.50 -4.74
CA ASP B 118 -25.24 -33.67 -5.91
C ASP B 118 -24.70 -34.42 -7.12
N HIS B 119 -25.43 -34.28 -8.23
CA HIS B 119 -25.10 -34.98 -9.46
C HIS B 119 -24.60 -33.96 -10.46
N THR B 120 -23.28 -33.93 -10.60
CA THR B 120 -22.56 -32.98 -11.42
C THR B 120 -21.09 -33.43 -11.36
N ASP B 121 -20.23 -32.83 -12.18
CA ASP B 121 -18.79 -33.12 -12.14
C ASP B 121 -18.19 -32.55 -10.85
N LEU B 122 -17.60 -33.42 -10.02
CA LEU B 122 -17.08 -32.97 -8.73
C LEU B 122 -15.62 -33.36 -8.51
N ASN B 123 -14.99 -32.68 -7.57
CA ASN B 123 -13.70 -33.10 -7.02
C ASN B 123 -13.69 -32.77 -5.53
N GLY B 124 -12.64 -33.18 -4.79
CA GLY B 124 -12.62 -33.05 -3.32
C GLY B 124 -12.53 -31.63 -2.77
N TRP B 125 -12.10 -30.71 -3.64
CA TRP B 125 -11.98 -29.29 -3.29
C TRP B 125 -13.33 -28.58 -3.23
N ILE B 126 -14.35 -29.16 -3.86
CA ILE B 126 -15.66 -28.50 -3.96
C ILE B 126 -16.56 -28.79 -2.76
N TRP B 127 -17.02 -27.72 -2.07
CA TRP B 127 -18.09 -27.84 -1.04
C TRP B 127 -19.45 -27.99 -1.72
N GLU B 128 -19.72 -27.06 -2.63
CA GLU B 128 -20.94 -27.07 -3.40
C GLU B 128 -20.62 -26.55 -4.80
N ARG B 129 -21.26 -27.14 -5.83
CA ARG B 129 -21.01 -26.76 -7.22
C ARG B 129 -22.23 -26.05 -7.85
N LYS B 130 -22.74 -25.04 -7.13
CA LYS B 130 -23.83 -24.22 -7.63
C LYS B 130 -23.20 -23.08 -8.42
N TYR B 131 -23.50 -23.05 -9.71
CA TYR B 131 -22.90 -22.04 -10.59
C TYR B 131 -23.69 -20.74 -10.52
N GLU B 132 -23.01 -19.70 -10.03
CA GLU B 132 -23.54 -18.34 -9.84
C GLU B 132 -22.59 -17.36 -10.51
N VAL B 133 -23.08 -16.64 -11.52
CA VAL B 133 -22.23 -15.70 -12.31
C VAL B 133 -21.39 -14.82 -11.37
N ASP B 134 -22.01 -14.37 -10.27
CA ASP B 134 -21.37 -13.39 -9.37
C ASP B 134 -20.19 -14.00 -8.64
N SER B 135 -20.16 -15.34 -8.53
CA SER B 135 -19.02 -16.02 -7.86
C SER B 135 -17.71 -15.72 -8.59
N LEU B 136 -17.79 -15.61 -9.90
CA LEU B 136 -16.60 -15.26 -10.68
C LEU B 136 -16.34 -13.76 -10.77
N CYS B 137 -17.37 -12.94 -10.51
CA CYS B 137 -17.14 -11.48 -10.49
C CYS B 137 -16.36 -11.10 -9.24
N TYR B 138 -16.73 -11.70 -8.12
CA TYR B 138 -16.14 -11.27 -6.85
C TYR B 138 -14.60 -11.30 -6.75
N PRO B 139 -13.93 -12.39 -7.19
CA PRO B 139 -12.47 -12.41 -7.10
C PRO B 139 -11.83 -11.34 -7.98
N LEU B 140 -12.45 -11.06 -9.11
CA LEU B 140 -11.94 -10.00 -10.00
C LEU B 140 -12.12 -8.63 -9.33
N GLN B 141 -13.23 -8.49 -8.62
CA GLN B 141 -13.51 -7.25 -7.91
C GLN B 141 -12.49 -7.06 -6.79
N LEU B 142 -12.24 -8.11 -6.02
CA LEU B 142 -11.24 -8.03 -4.95
C LEU B 142 -9.87 -7.66 -5.51
N ALA B 143 -9.42 -8.34 -6.57
CA ALA B 143 -8.11 -8.04 -7.13
C ALA B 143 -7.99 -6.57 -7.54
N TYR B 144 -9.04 -6.06 -8.18
CA TYR B 144 -9.07 -4.68 -8.63
C TYR B 144 -9.09 -3.68 -7.47
N LEU B 145 -10.00 -3.92 -6.51
CA LEU B 145 -10.06 -3.00 -5.34
C LEU B 145 -8.77 -3.00 -4.52
N LEU B 146 -8.15 -4.16 -4.40
CA LEU B 146 -6.90 -4.27 -3.61
C LEU B 146 -5.82 -3.41 -4.27
N TRP B 147 -5.80 -3.48 -5.60
CA TRP B 147 -4.86 -2.70 -6.41
C TRP B 147 -5.12 -1.20 -6.27
N LYS B 148 -6.37 -0.76 -6.49
CA LYS B 148 -6.71 0.61 -6.44
C LYS B 148 -6.55 1.22 -5.04
N GLU B 149 -6.98 0.50 -4.02
CA GLU B 149 -6.94 1.04 -2.65
C GLU B 149 -5.53 1.07 -2.09
N THR B 150 -4.72 0.05 -2.36
CA THR B 150 -3.40 -0.05 -1.68
C THR B 150 -2.18 0.08 -2.63
N GLY B 151 -2.41 -0.14 -3.92
CA GLY B 151 -1.31 -0.18 -4.90
C GLY B 151 -0.72 -1.58 -5.08
N GLU B 152 -1.18 -2.56 -4.30
CA GLU B 152 -0.61 -3.93 -4.35
C GLU B 152 -0.80 -4.57 -5.73
N THR B 153 0.22 -5.24 -6.25
CA THR B 153 0.15 -5.87 -7.57
C THR B 153 0.58 -7.34 -7.54
N SER B 154 1.04 -7.83 -6.38
CA SER B 154 1.55 -9.22 -6.36
C SER B 154 0.46 -10.27 -6.70
N GLN B 155 -0.81 -9.90 -6.49
CA GLN B 155 -1.93 -10.78 -6.79
C GLN B 155 -2.13 -10.99 -8.29
N PHE B 156 -1.51 -10.15 -9.11
CA PHE B 156 -1.59 -10.29 -10.58
C PHE B 156 -0.53 -11.22 -11.16
N ASP B 157 -0.61 -12.48 -10.77
CA ASP B 157 0.39 -13.48 -11.17
C ASP B 157 -0.11 -14.39 -12.31
N GLU B 158 0.64 -15.45 -12.58
CA GLU B 158 0.25 -16.38 -13.67
C GLU B 158 -1.11 -17.00 -13.38
N ILE B 159 -1.36 -17.30 -12.11
CA ILE B 159 -2.63 -17.92 -11.69
C ILE B 159 -3.78 -16.94 -11.95
N PHE B 160 -3.57 -15.68 -11.58
CA PHE B 160 -4.56 -14.66 -11.91
C PHE B 160 -4.87 -14.60 -13.45
N VAL B 161 -3.83 -14.70 -14.30
CA VAL B 161 -4.02 -14.52 -15.75
C VAL B 161 -4.78 -15.72 -16.25
N ALA B 162 -4.38 -16.88 -15.78
CA ALA B 162 -5.01 -18.13 -16.18
C ALA B 162 -6.48 -18.17 -15.76
N ALA B 163 -6.79 -17.71 -14.55
CA ALA B 163 -8.15 -17.73 -14.02
C ALA B 163 -9.03 -16.73 -14.79
N THR B 164 -8.48 -15.54 -15.06
CA THR B 164 -9.20 -14.53 -15.85
C THR B 164 -9.58 -15.11 -17.21
N LYS B 165 -8.62 -15.75 -17.88
CA LYS B 165 -8.94 -16.49 -19.10
C LYS B 165 -10.06 -17.53 -18.97
N GLU B 166 -10.07 -18.28 -17.87
CA GLU B 166 -11.12 -19.27 -17.62
C GLU B 166 -12.45 -18.62 -17.45
N ILE B 167 -12.46 -17.48 -16.76
CA ILE B 167 -13.70 -16.76 -16.55
C ILE B 167 -14.24 -16.21 -17.87
N LEU B 168 -13.36 -15.65 -18.70
CA LEU B 168 -13.85 -15.05 -19.94
C LEU B 168 -14.41 -16.14 -20.82
N HIS B 169 -13.73 -17.29 -20.82
CA HIS B 169 -14.18 -18.44 -21.62
C HIS B 169 -15.53 -18.92 -21.17
N LEU B 170 -15.63 -19.16 -19.86
CA LEU B 170 -16.87 -19.72 -19.32
C LEU B 170 -18.03 -18.75 -19.60
N TRP B 171 -17.82 -17.48 -19.30
CA TRP B 171 -18.89 -16.52 -19.54
C TRP B 171 -19.30 -16.46 -21.02
N THR B 172 -18.33 -16.69 -21.90
CA THR B 172 -18.62 -16.67 -23.33
C THR B 172 -19.42 -17.92 -23.73
N VAL B 173 -18.97 -19.09 -23.26
CA VAL B 173 -19.74 -20.35 -23.47
C VAL B 173 -21.17 -20.14 -23.03
N GLU B 174 -21.33 -19.60 -21.82
CA GLU B 174 -22.67 -19.41 -21.25
C GLU B 174 -23.52 -18.26 -21.86
N GLN B 175 -23.01 -17.60 -22.90
CA GLN B 175 -23.91 -16.75 -23.71
C GLN B 175 -24.86 -17.59 -24.58
N ASP B 176 -24.55 -18.88 -24.70
CA ASP B 176 -25.53 -19.82 -25.23
C ASP B 176 -25.42 -21.14 -24.48
N HIS B 177 -26.23 -21.25 -23.44
CA HIS B 177 -26.12 -22.37 -22.49
C HIS B 177 -26.38 -23.73 -23.14
N LYS B 178 -26.95 -23.76 -24.35
CA LYS B 178 -27.11 -25.01 -25.09
C LYS B 178 -25.76 -25.71 -25.29
N ASN B 179 -24.67 -24.93 -25.26
CA ASN B 179 -23.33 -25.46 -25.43
C ASN B 179 -22.61 -25.79 -24.11
N SER B 180 -23.32 -25.67 -22.99
CA SER B 180 -22.66 -25.73 -21.69
C SER B 180 -22.29 -27.15 -21.28
N PRO B 181 -21.11 -27.32 -20.63
CA PRO B 181 -20.81 -28.64 -20.05
C PRO B 181 -21.43 -28.83 -18.64
N TYR B 182 -22.01 -27.77 -18.09
CA TYR B 182 -22.50 -27.75 -16.72
C TYR B 182 -23.93 -28.28 -16.61
N ARG B 183 -24.13 -29.27 -15.73
CA ARG B 183 -25.46 -29.77 -15.32
C ARG B 183 -25.46 -29.98 -13.82
N PHE B 184 -26.60 -29.80 -13.19
CA PHE B 184 -26.65 -29.89 -11.73
C PHE B 184 -28.00 -30.34 -11.26
N VAL B 185 -28.05 -31.52 -10.64
CA VAL B 185 -29.24 -32.05 -9.99
C VAL B 185 -28.90 -32.45 -8.57
N ARG B 186 -29.60 -31.88 -7.59
CA ARG B 186 -29.49 -32.33 -6.18
C ARG B 186 -30.68 -33.18 -5.76
N ASP B 187 -30.40 -34.24 -4.99
CA ASP B 187 -31.42 -35.07 -4.35
C ASP B 187 -31.97 -34.24 -3.21
N THR B 188 -33.15 -33.67 -3.44
CA THR B 188 -33.80 -32.79 -2.46
C THR B 188 -35.27 -32.59 -2.78
N ASP B 189 -36.07 -32.30 -1.77
CA ASP B 189 -37.46 -31.95 -2.04
C ASP B 189 -37.63 -30.44 -2.16
N ARG B 190 -36.57 -29.69 -1.89
CA ARG B 190 -36.60 -28.23 -2.01
C ARG B 190 -36.19 -27.78 -3.44
N LYS B 191 -37.17 -27.30 -4.22
CA LYS B 191 -36.97 -26.99 -5.64
C LYS B 191 -35.86 -25.95 -5.86
N GLU B 192 -35.75 -25.02 -4.91
CA GLU B 192 -34.76 -23.94 -5.06
C GLU B 192 -33.34 -24.45 -5.08
N ASP B 193 -33.12 -25.69 -4.61
CA ASP B 193 -31.75 -26.23 -4.52
C ASP B 193 -31.28 -27.12 -5.66
N THR B 194 -32.07 -27.14 -6.74
CA THR B 194 -31.77 -27.98 -7.89
C THR B 194 -32.21 -27.30 -9.20
N LEU B 195 -31.74 -27.81 -10.34
CA LEU B 195 -32.08 -27.22 -11.62
C LEU B 195 -33.14 -28.06 -12.33
N VAL B 196 -34.13 -27.37 -12.89
CA VAL B 196 -35.17 -28.05 -13.66
C VAL B 196 -34.63 -28.70 -14.93
N ASN B 197 -35.48 -29.49 -15.58
CA ASN B 197 -35.12 -30.15 -16.83
C ASN B 197 -33.85 -30.97 -16.66
N ASP B 198 -33.86 -31.84 -15.66
CA ASP B 198 -32.76 -32.79 -15.37
C ASP B 198 -31.40 -32.10 -15.37
N GLY B 199 -31.35 -30.95 -14.69
CA GLY B 199 -30.09 -30.27 -14.42
C GLY B 199 -29.68 -29.22 -15.45
N PHE B 200 -30.49 -29.05 -16.48
CA PHE B 200 -30.17 -28.12 -17.57
C PHE B 200 -30.69 -26.68 -17.30
N GLY B 201 -31.71 -26.54 -16.46
CA GLY B 201 -32.33 -25.23 -16.16
C GLY B 201 -33.50 -24.88 -17.08
N PRO B 202 -34.13 -23.70 -16.87
CA PRO B 202 -35.34 -23.33 -17.60
C PRO B 202 -35.05 -22.91 -19.04
N ASP B 203 -36.09 -22.83 -19.87
CA ASP B 203 -35.90 -22.46 -21.27
C ASP B 203 -35.46 -20.98 -21.40
N PHE B 204 -34.71 -20.69 -22.46
CA PHE B 204 -34.19 -19.35 -22.69
C PHE B 204 -33.96 -19.13 -24.19
N ALA B 205 -33.78 -17.86 -24.55
CA ALA B 205 -33.21 -17.46 -25.83
C ALA B 205 -31.80 -16.90 -25.59
N VAL B 206 -30.97 -16.85 -26.64
CA VAL B 206 -29.69 -16.18 -26.60
C VAL B 206 -29.97 -14.69 -26.54
N THR B 207 -29.35 -13.99 -25.60
CA THR B 207 -29.60 -12.52 -25.44
C THR B 207 -28.36 -11.64 -25.57
N GLY B 208 -27.19 -12.25 -25.45
CA GLY B 208 -25.94 -11.53 -25.27
C GLY B 208 -25.51 -11.51 -23.81
N MET B 209 -26.47 -11.66 -22.88
CA MET B 209 -26.11 -11.81 -21.47
C MET B 209 -25.59 -13.23 -21.22
N THR B 210 -24.93 -13.42 -20.07
CA THR B 210 -24.39 -14.71 -19.71
C THR B 210 -25.29 -15.45 -18.70
N TRP B 211 -25.48 -16.75 -18.92
CA TRP B 211 -26.42 -17.59 -18.18
C TRP B 211 -25.93 -17.89 -16.76
N SER B 212 -26.86 -17.96 -15.80
CA SER B 212 -26.54 -18.41 -14.45
C SER B 212 -27.46 -19.55 -14.03
N ALA B 213 -26.97 -20.40 -13.14
CA ALA B 213 -27.76 -21.54 -12.63
C ALA B 213 -28.48 -21.06 -11.40
N PHE B 214 -27.73 -20.40 -10.52
CA PHE B 214 -28.27 -20.01 -9.22
C PHE B 214 -28.02 -18.54 -9.01
N ARG B 215 -28.72 -18.00 -8.04
CA ARG B 215 -28.59 -16.60 -7.63
C ARG B 215 -27.50 -16.47 -6.59
N PRO B 216 -27.11 -15.21 -6.26
CA PRO B 216 -26.26 -14.94 -5.11
C PRO B 216 -26.85 -15.47 -3.80
N SER B 217 -28.17 -15.70 -3.73
CA SER B 217 -28.76 -16.29 -2.53
C SER B 217 -28.47 -17.81 -2.39
N ASP B 218 -27.85 -18.42 -3.41
CA ASP B 218 -27.72 -19.89 -3.59
C ASP B 218 -29.03 -20.63 -3.93
N ASP B 219 -30.11 -19.90 -4.17
CA ASP B 219 -31.35 -20.50 -4.70
C ASP B 219 -31.40 -20.34 -6.21
N CYS B 220 -32.07 -21.27 -6.91
CA CYS B 220 -31.90 -21.34 -8.36
C CYS B 220 -32.63 -20.21 -9.05
N CYS B 221 -32.12 -19.84 -10.22
CA CYS B 221 -32.78 -18.80 -11.00
C CYS B 221 -34.10 -19.32 -11.56
N GLN B 222 -35.08 -18.43 -11.56
CA GLN B 222 -36.35 -18.72 -12.21
C GLN B 222 -36.20 -18.52 -13.72
N TYR B 223 -35.60 -17.41 -14.12
CA TYR B 223 -35.17 -17.19 -15.52
C TYR B 223 -33.66 -16.98 -15.48
N SER B 224 -32.98 -17.39 -16.56
CA SER B 224 -31.53 -17.67 -16.53
C SER B 224 -30.62 -16.44 -16.63
N TYR B 225 -31.17 -15.33 -17.09
CA TYR B 225 -30.38 -14.09 -17.16
C TYR B 225 -30.67 -13.21 -15.95
N LEU B 226 -29.74 -13.22 -15.00
CA LEU B 226 -29.94 -12.54 -13.73
C LEU B 226 -29.35 -11.16 -13.92
N ILE B 227 -30.23 -10.16 -13.92
CA ILE B 227 -29.83 -8.81 -14.27
C ILE B 227 -28.71 -8.26 -13.35
N PRO B 228 -28.87 -8.35 -12.01
CA PRO B 228 -27.77 -7.80 -11.16
C PRO B 228 -26.41 -8.46 -11.36
N SER B 229 -26.40 -9.76 -11.70
CA SER B 229 -25.13 -10.47 -11.87
C SER B 229 -24.51 -10.13 -13.21
N ASN B 230 -25.34 -9.91 -14.24
CA ASN B 230 -24.81 -9.40 -15.51
C ASN B 230 -24.33 -7.95 -15.37
N MET B 231 -25.02 -7.16 -14.54
CA MET B 231 -24.52 -5.82 -14.23
C MET B 231 -23.12 -5.91 -13.58
N PHE B 232 -22.98 -6.79 -12.62
CA PHE B 232 -21.69 -6.96 -11.93
C PHE B 232 -20.60 -7.42 -12.93
N ALA B 233 -20.98 -8.35 -13.82
CA ALA B 233 -20.06 -8.81 -14.86
C ALA B 233 -19.57 -7.65 -15.74
N VAL B 234 -20.48 -6.76 -16.15
CA VAL B 234 -20.08 -5.63 -16.99
C VAL B 234 -19.03 -4.80 -16.27
N VAL B 235 -19.23 -4.58 -14.97
CA VAL B 235 -18.31 -3.76 -14.18
C VAL B 235 -16.96 -4.42 -14.07
N VAL B 236 -16.92 -5.70 -13.71
CA VAL B 236 -15.62 -6.38 -13.55
C VAL B 236 -14.90 -6.61 -14.87
N LEU B 237 -15.64 -6.75 -15.98
CA LEU B 237 -14.94 -6.84 -17.28
C LEU B 237 -14.20 -5.54 -17.58
N GLY B 238 -14.72 -4.40 -17.11
CA GLY B 238 -14.02 -3.10 -17.19
C GLY B 238 -12.74 -3.17 -16.38
N TYR B 239 -12.86 -3.67 -15.16
CA TYR B 239 -11.67 -3.88 -14.34
C TYR B 239 -10.61 -4.71 -15.05
N VAL B 240 -11.01 -5.81 -15.70
CA VAL B 240 -10.05 -6.68 -16.35
C VAL B 240 -9.30 -5.86 -17.43
N GLN B 241 -10.04 -5.09 -18.22
CA GLN B 241 -9.39 -4.27 -19.26
C GLN B 241 -8.39 -3.29 -18.64
N GLU B 242 -8.80 -2.64 -17.55
CA GLU B 242 -7.88 -1.72 -16.82
C GLU B 242 -6.58 -2.37 -16.31
N ILE B 243 -6.74 -3.54 -15.67
CA ILE B 243 -5.63 -4.25 -15.04
C ILE B 243 -4.65 -4.71 -16.12
N PHE B 244 -5.16 -5.30 -17.20
CA PHE B 244 -4.25 -5.94 -18.14
C PHE B 244 -3.44 -4.87 -18.91
N ALA B 245 -4.08 -3.72 -19.13
CA ALA B 245 -3.43 -2.63 -19.88
C ALA B 245 -2.42 -1.92 -18.97
N ALA B 246 -2.77 -1.70 -17.70
CA ALA B 246 -1.86 -1.03 -16.76
C ALA B 246 -0.63 -1.84 -16.39
N LEU B 247 -0.76 -3.16 -16.39
CA LEU B 247 0.32 -4.00 -15.83
C LEU B 247 1.01 -4.88 -16.85
N ASN B 248 0.70 -4.66 -18.13
CA ASN B 248 1.35 -5.40 -19.21
C ASN B 248 1.42 -6.88 -18.92
N LEU B 249 0.28 -7.46 -18.55
CA LEU B 249 0.29 -8.86 -18.16
C LEU B 249 0.34 -9.68 -19.43
N ALA B 250 0.66 -10.97 -19.29
CA ALA B 250 0.77 -11.84 -20.45
C ALA B 250 -0.52 -11.88 -21.23
N ASP B 251 -0.38 -11.91 -22.57
CA ASP B 251 -1.48 -12.02 -23.52
C ASP B 251 -2.48 -10.88 -23.41
N SER B 252 -1.97 -9.69 -23.08
CA SER B 252 -2.85 -8.59 -22.73
C SER B 252 -3.69 -8.16 -23.92
N GLN B 253 -3.13 -8.13 -25.13
CA GLN B 253 -3.91 -7.65 -26.27
C GLN B 253 -5.16 -8.49 -26.47
N SER B 254 -4.97 -9.80 -26.37
CA SER B 254 -6.04 -10.75 -26.56
C SER B 254 -7.08 -10.72 -25.42
N VAL B 255 -6.59 -10.68 -24.17
CA VAL B 255 -7.48 -10.66 -22.99
C VAL B 255 -8.33 -9.37 -22.97
N ILE B 256 -7.69 -8.21 -23.17
CA ILE B 256 -8.41 -6.92 -23.20
C ILE B 256 -9.47 -6.96 -24.31
N ALA B 257 -9.10 -7.42 -25.51
CA ALA B 257 -10.11 -7.44 -26.60
C ALA B 257 -11.29 -8.42 -26.32
N ASP B 258 -10.97 -9.58 -25.75
CA ASP B 258 -11.97 -10.58 -25.36
CA ASP B 258 -11.97 -10.56 -25.36
C ASP B 258 -12.90 -10.00 -24.28
N ALA B 259 -12.32 -9.34 -23.28
CA ALA B 259 -13.13 -8.74 -22.22
C ALA B 259 -13.99 -7.60 -22.72
N LYS B 260 -13.46 -6.78 -23.61
CA LYS B 260 -14.22 -5.68 -24.20
C LYS B 260 -15.36 -6.23 -25.05
N ARG B 261 -15.10 -7.28 -25.83
CA ARG B 261 -16.13 -7.85 -26.72
C ARG B 261 -17.29 -8.37 -25.85
N LEU B 262 -16.91 -9.16 -24.86
CA LEU B 262 -17.89 -9.75 -23.94
C LEU B 262 -18.68 -8.67 -23.17
N GLN B 263 -17.98 -7.68 -22.61
CA GLN B 263 -18.64 -6.56 -21.92
C GLN B 263 -19.68 -5.92 -22.81
N ASP B 264 -19.30 -5.59 -24.05
CA ASP B 264 -20.21 -4.91 -24.97
C ASP B 264 -21.42 -5.79 -25.26
N GLU B 265 -21.19 -7.08 -25.43
CA GLU B 265 -22.29 -8.00 -25.76
C GLU B 265 -23.27 -8.13 -24.58
N ILE B 266 -22.74 -8.22 -23.38
CA ILE B 266 -23.58 -8.25 -22.16
C ILE B 266 -24.35 -6.93 -21.98
N GLN B 267 -23.67 -5.81 -22.17
CA GLN B 267 -24.28 -4.49 -22.12
C GLN B 267 -25.44 -4.38 -23.12
N GLU B 268 -25.21 -4.82 -24.34
CA GLU B 268 -26.28 -4.80 -25.37
C GLU B 268 -27.44 -5.70 -24.92
N GLY B 269 -27.12 -6.85 -24.33
CA GLY B 269 -28.16 -7.78 -23.82
C GLY B 269 -29.02 -7.15 -22.75
N ILE B 270 -28.38 -6.48 -21.79
CA ILE B 270 -29.09 -5.69 -20.80
C ILE B 270 -30.02 -4.66 -21.48
N LYS B 271 -29.47 -3.89 -22.39
CA LYS B 271 -30.25 -2.88 -23.07
C LYS B 271 -31.49 -3.47 -23.75
N ASN B 272 -31.34 -4.65 -24.33
CA ASN B 272 -32.40 -5.19 -25.16
C ASN B 272 -33.41 -5.97 -24.34
N TYR B 273 -33.03 -6.42 -23.14
CA TYR B 273 -33.82 -7.46 -22.51
C TYR B 273 -34.08 -7.24 -21.05
N ALA B 274 -33.29 -6.38 -20.40
CA ALA B 274 -33.37 -6.23 -18.93
C ALA B 274 -34.50 -5.36 -18.36
N TYR B 275 -35.18 -4.61 -19.22
CA TYR B 275 -36.15 -3.64 -18.72
C TYR B 275 -37.56 -4.20 -18.83
N THR B 276 -38.37 -3.78 -17.87
CA THR B 276 -39.80 -4.02 -17.87
C THR B 276 -40.52 -2.76 -17.31
N THR B 277 -41.78 -2.91 -16.91
CA THR B 277 -42.63 -1.77 -16.61
C THR B 277 -43.30 -2.09 -15.30
N ASN B 278 -43.36 -1.13 -14.36
CA ASN B 278 -44.07 -1.36 -13.10
C ASN B 278 -45.57 -1.05 -13.14
N SER B 279 -46.25 -1.17 -11.99
CA SER B 279 -47.69 -0.89 -11.96
C SER B 279 -48.06 0.50 -12.48
N LYS B 280 -47.22 1.49 -12.18
CA LYS B 280 -47.45 2.88 -12.56
C LYS B 280 -47.00 3.19 -13.98
N GLY B 281 -46.49 2.18 -14.69
CA GLY B 281 -46.01 2.33 -16.06
C GLY B 281 -44.63 2.91 -16.26
N GLU B 282 -43.83 2.87 -15.19
CA GLU B 282 -42.47 3.40 -15.22
C GLU B 282 -41.52 2.33 -15.68
N LYS B 283 -40.51 2.71 -16.46
CA LYS B 283 -39.46 1.77 -16.90
C LYS B 283 -38.59 1.46 -15.69
N ILE B 284 -38.43 0.15 -15.43
CA ILE B 284 -37.56 -0.37 -14.38
C ILE B 284 -36.69 -1.53 -14.85
N TYR B 285 -35.68 -1.89 -14.06
CA TYR B 285 -35.01 -3.17 -14.29
C TYR B 285 -35.83 -4.33 -13.76
N ALA B 286 -35.85 -5.39 -14.57
CA ALA B 286 -36.33 -6.69 -14.11
C ALA B 286 -35.23 -7.38 -13.28
N PHE B 287 -35.62 -8.39 -12.51
CA PHE B 287 -34.64 -9.13 -11.70
C PHE B 287 -33.99 -10.27 -12.53
N GLU B 288 -34.82 -11.15 -13.13
CA GLU B 288 -34.34 -12.18 -14.07
C GLU B 288 -35.20 -12.17 -15.33
N VAL B 289 -34.57 -12.43 -16.48
CA VAL B 289 -35.34 -12.56 -17.76
C VAL B 289 -34.85 -13.79 -18.47
N ASP B 290 -35.67 -14.32 -19.38
CA ASP B 290 -35.23 -15.50 -20.15
C ASP B 290 -34.91 -15.20 -21.62
N GLY B 291 -35.14 -13.97 -22.05
CA GLY B 291 -34.99 -13.62 -23.47
C GLY B 291 -36.16 -14.12 -24.30
N LEU B 292 -37.16 -14.68 -23.63
CA LEU B 292 -38.40 -15.17 -24.29
C LEU B 292 -39.60 -14.28 -24.03
N GLY B 293 -39.38 -13.25 -23.20
CA GLY B 293 -40.38 -12.24 -22.91
C GLY B 293 -40.81 -12.27 -21.46
N ASN B 294 -40.33 -13.25 -20.70
CA ASN B 294 -40.59 -13.30 -19.29
C ASN B 294 -39.60 -12.44 -18.55
N ALA B 295 -40.08 -11.69 -17.56
CA ALA B 295 -39.18 -10.85 -16.78
C ALA B 295 -39.83 -10.55 -15.44
N SER B 296 -39.16 -10.95 -14.36
CA SER B 296 -39.71 -10.83 -13.01
C SER B 296 -39.51 -9.44 -12.41
N ILE B 297 -40.49 -9.02 -11.61
CA ILE B 297 -40.40 -7.78 -10.87
C ILE B 297 -40.23 -8.12 -9.39
N MET B 298 -39.01 -7.92 -8.89
CA MET B 298 -38.66 -8.27 -7.53
C MET B 298 -37.20 -7.86 -7.30
N ASP B 299 -36.73 -8.11 -6.08
CA ASP B 299 -35.28 -8.09 -5.81
C ASP B 299 -35.03 -9.09 -4.69
N ASP B 300 -33.77 -9.52 -4.57
CA ASP B 300 -33.36 -10.41 -3.50
C ASP B 300 -32.27 -9.67 -2.70
N PRO B 301 -32.27 -9.82 -1.38
CA PRO B 301 -31.34 -9.05 -0.52
C PRO B 301 -29.85 -9.34 -0.79
N ASN B 302 -29.54 -10.51 -1.33
CA ASN B 302 -28.13 -10.89 -1.51
C ASN B 302 -27.51 -10.14 -2.64
N VAL B 303 -26.23 -9.82 -2.49
CA VAL B 303 -25.56 -8.93 -3.46
C VAL B 303 -24.69 -9.78 -4.37
N PRO B 304 -24.72 -9.55 -5.71
CA PRO B 304 -25.35 -8.44 -6.41
C PRO B 304 -26.86 -8.53 -6.48
N SER B 305 -27.52 -7.41 -6.18
CA SER B 305 -28.95 -7.27 -6.26
C SER B 305 -29.21 -6.07 -7.14
N LEU B 306 -30.47 -5.84 -7.50
CA LEU B 306 -30.82 -4.62 -8.23
C LEU B 306 -30.59 -3.43 -7.33
N LEU B 307 -31.00 -3.57 -6.06
CA LEU B 307 -30.83 -2.43 -5.10
C LEU B 307 -29.37 -1.99 -5.03
N ALA B 308 -28.45 -2.96 -5.13
CA ALA B 308 -27.01 -2.71 -4.98
C ALA B 308 -26.33 -2.16 -6.25
N ALA B 309 -27.09 -1.97 -7.33
CA ALA B 309 -26.50 -1.60 -8.61
C ALA B 309 -25.52 -0.43 -8.50
N PRO B 310 -25.88 0.65 -7.77
CA PRO B 310 -24.88 1.71 -7.69
C PRO B 310 -23.69 1.39 -6.80
N TYR B 311 -23.91 0.53 -5.82
CA TYR B 311 -22.84 0.13 -4.89
C TYR B 311 -21.77 -0.68 -5.62
N LEU B 312 -22.22 -1.47 -6.59
CA LEU B 312 -21.35 -2.31 -7.42
C LEU B 312 -20.64 -1.53 -8.52
N GLY B 313 -21.06 -0.28 -8.74
CA GLY B 313 -20.48 0.62 -9.75
C GLY B 313 -21.08 0.50 -11.14
N TYR B 314 -22.24 -0.10 -11.24
CA TYR B 314 -22.91 -0.31 -12.52
C TYR B 314 -23.55 0.99 -13.02
N CYS B 315 -24.22 1.69 -12.11
CA CYS B 315 -24.86 2.94 -12.51
C CYS B 315 -24.78 3.98 -11.41
N SER B 316 -25.20 5.21 -11.73
CA SER B 316 -25.35 6.24 -10.70
C SER B 316 -26.58 5.99 -9.78
N VAL B 317 -26.43 6.28 -8.50
CA VAL B 317 -27.57 6.34 -7.56
C VAL B 317 -28.65 7.31 -8.05
N ASP B 318 -28.25 8.34 -8.81
CA ASP B 318 -29.19 9.37 -9.31
C ASP B 318 -29.94 8.90 -10.57
N ASP B 319 -29.54 7.77 -11.15
CA ASP B 319 -30.14 7.32 -12.44
C ASP B 319 -31.66 7.13 -12.32
N GLU B 320 -32.41 7.63 -13.29
CA GLU B 320 -33.88 7.65 -13.19
C GLU B 320 -34.49 6.23 -13.17
N VAL B 321 -33.97 5.37 -14.02
CA VAL B 321 -34.48 4.00 -14.09
C VAL B 321 -34.08 3.29 -12.79
N TYR B 322 -32.85 3.51 -12.32
CA TYR B 322 -32.50 2.92 -11.03
C TYR B 322 -33.46 3.35 -9.90
N GLN B 323 -33.71 4.66 -9.78
CA GLN B 323 -34.62 5.18 -8.78
C GLN B 323 -36.04 4.59 -8.87
N ALA B 324 -36.57 4.48 -10.10
CA ALA B 324 -37.86 3.83 -10.31
C ALA B 324 -37.86 2.37 -9.84
N THR B 325 -36.76 1.68 -10.13
CA THR B 325 -36.60 0.29 -9.73
C THR B 325 -36.59 0.23 -8.19
N ARG B 326 -35.82 1.12 -7.59
CA ARG B 326 -35.66 1.17 -6.13
C ARG B 326 -37.02 1.37 -5.43
N ARG B 327 -37.82 2.31 -5.94
CA ARG B 327 -39.14 2.60 -5.36
C ARG B 327 -40.03 1.36 -5.40
N THR B 328 -39.88 0.62 -6.49
CA THR B 328 -40.65 -0.62 -6.71
C THR B 328 -40.15 -1.74 -5.79
N ILE B 329 -38.83 -1.90 -5.72
CA ILE B 329 -38.19 -2.91 -4.83
C ILE B 329 -38.54 -2.72 -3.35
N LEU B 330 -38.56 -1.45 -2.90
CA LEU B 330 -38.84 -1.16 -1.50
C LEU B 330 -40.34 -0.83 -1.33
N SER B 331 -41.17 -1.71 -1.86
CA SER B 331 -42.63 -1.60 -1.75
C SER B 331 -43.26 -2.98 -1.90
N SER B 332 -44.54 -3.10 -1.54
CA SER B 332 -45.22 -4.37 -1.67
C SER B 332 -45.40 -4.88 -3.13
N GLU B 333 -45.06 -4.03 -4.11
CA GLU B 333 -44.96 -4.51 -5.49
C GLU B 333 -43.92 -5.62 -5.62
N ASN B 334 -42.86 -5.56 -4.80
CA ASN B 334 -41.89 -6.63 -4.72
C ASN B 334 -42.43 -7.73 -3.79
N PRO B 335 -42.59 -8.98 -4.26
CA PRO B 335 -43.19 -10.01 -3.38
C PRO B 335 -42.33 -10.35 -2.17
N TYR B 336 -41.07 -9.90 -2.17
CA TYR B 336 -40.16 -10.15 -1.04
C TYR B 336 -40.02 -8.99 -0.07
N PHE B 337 -40.79 -7.93 -0.30
CA PHE B 337 -40.81 -6.79 0.64
C PHE B 337 -41.80 -7.07 1.78
N TYR B 338 -41.29 -7.07 3.00
CA TYR B 338 -42.10 -7.43 4.19
C TYR B 338 -42.13 -6.24 5.15
N GLN B 339 -43.27 -6.00 5.80
CA GLN B 339 -43.39 -4.88 6.72
C GLN B 339 -43.89 -5.35 8.06
N GLY B 340 -43.24 -4.89 9.14
CA GLY B 340 -43.63 -5.33 10.48
C GLY B 340 -43.43 -4.22 11.50
N GLU B 341 -43.57 -4.56 12.77
CA GLU B 341 -43.50 -3.55 13.85
C GLU B 341 -42.14 -2.93 13.99
N TYR B 342 -41.08 -3.75 13.84
CA TYR B 342 -39.72 -3.29 14.11
C TYR B 342 -39.04 -2.73 12.87
N ALA B 343 -39.46 -3.20 11.71
CA ALA B 343 -38.74 -2.82 10.50
C ALA B 343 -39.51 -3.22 9.28
N SER B 344 -39.13 -2.63 8.15
CA SER B 344 -39.57 -3.09 6.82
CA SER B 344 -39.55 -3.14 6.85
C SER B 344 -38.33 -3.31 5.94
N GLY B 345 -38.37 -4.30 5.05
CA GLY B 345 -37.22 -4.58 4.21
C GLY B 345 -37.42 -5.84 3.41
N LEU B 346 -36.32 -6.48 3.04
CA LEU B 346 -36.33 -7.49 2.01
C LEU B 346 -36.10 -8.87 2.58
N GLY B 347 -37.06 -9.76 2.38
CA GLY B 347 -36.83 -11.19 2.57
C GLY B 347 -36.32 -11.89 1.31
N SER B 348 -36.37 -13.22 1.35
CA SER B 348 -35.75 -14.03 0.29
C SER B 348 -36.39 -15.40 0.20
N SER B 349 -36.35 -15.99 -1.00
CA SER B 349 -36.75 -17.40 -1.16
C SER B 349 -35.97 -18.28 -0.17
N HIS B 350 -34.77 -17.81 0.20
CA HIS B 350 -33.81 -18.58 0.95
C HIS B 350 -34.17 -18.61 2.44
N THR B 351 -35.02 -17.68 2.89
CA THR B 351 -35.30 -17.55 4.34
C THR B 351 -36.80 -17.58 4.59
N PHE B 352 -37.22 -17.58 5.85
CA PHE B 352 -38.66 -17.72 6.17
C PHE B 352 -39.47 -16.46 5.87
N TYR B 353 -40.78 -16.62 5.62
CA TYR B 353 -41.67 -15.49 5.36
C TYR B 353 -41.61 -14.57 6.57
N ARG B 354 -41.70 -13.26 6.30
CA ARG B 354 -41.68 -12.20 7.31
C ARG B 354 -40.25 -11.89 7.79
N TYR B 355 -39.25 -12.68 7.40
CA TYR B 355 -37.89 -12.40 7.90
C TYR B 355 -37.15 -11.57 6.87
N ILE B 356 -36.56 -10.45 7.30
CA ILE B 356 -35.83 -9.57 6.38
C ILE B 356 -34.35 -9.54 6.68
N TRP B 357 -33.57 -9.07 5.70
CA TRP B 357 -32.10 -9.22 5.76
C TRP B 357 -31.37 -7.94 6.13
N PRO B 358 -30.55 -7.98 7.20
CA PRO B 358 -29.64 -6.87 7.50
C PRO B 358 -28.74 -6.46 6.33
N ILE B 359 -28.28 -7.41 5.54
CA ILE B 359 -27.48 -7.07 4.36
C ILE B 359 -28.18 -6.08 3.47
N ALA B 360 -29.49 -6.29 3.24
CA ALA B 360 -30.23 -5.38 2.39
C ALA B 360 -30.50 -4.01 3.02
N LEU B 361 -30.68 -3.97 4.34
CA LEU B 361 -30.81 -2.66 5.02
C LEU B 361 -29.51 -1.87 4.85
N SER B 362 -28.39 -2.58 4.98
CA SER B 362 -27.07 -1.99 4.81
CA SER B 362 -27.08 -1.97 4.80
C SER B 362 -26.90 -1.45 3.38
N ILE B 363 -27.23 -2.28 2.39
CA ILE B 363 -27.15 -1.86 0.99
C ILE B 363 -28.11 -0.70 0.74
N GLN B 364 -29.31 -0.76 1.34
CA GLN B 364 -30.25 0.34 1.20
C GLN B 364 -29.61 1.67 1.64
N GLY B 365 -28.87 1.65 2.76
CA GLY B 365 -28.21 2.89 3.18
C GLY B 365 -27.01 3.26 2.31
N LEU B 366 -26.26 2.26 1.86
CA LEU B 366 -25.12 2.47 0.94
C LEU B 366 -25.52 3.08 -0.42
N THR B 367 -26.81 3.04 -0.74
CA THR B 367 -27.29 3.36 -2.06
C THR B 367 -28.30 4.51 -2.01
N THR B 368 -28.15 5.36 -0.99
CA THR B 368 -28.94 6.59 -0.92
C THR B 368 -28.01 7.71 -0.53
N ARG B 369 -28.22 8.90 -1.10
CA ARG B 369 -27.40 10.05 -0.69
C ARG B 369 -27.90 10.64 0.63
N ASP B 370 -29.07 10.19 1.05
CA ASP B 370 -29.77 10.75 2.21
C ASP B 370 -29.14 10.29 3.51
N LYS B 371 -28.37 11.17 4.15
CA LYS B 371 -27.68 10.84 5.39
C LYS B 371 -28.64 10.48 6.52
N ALA B 372 -29.82 11.09 6.52
CA ALA B 372 -30.82 10.80 7.56
C ALA B 372 -31.30 9.37 7.42
N GLU B 373 -31.39 8.90 6.17
CA GLU B 373 -31.81 7.54 5.87
C GLU B 373 -30.69 6.56 6.28
N LYS B 374 -29.44 6.88 5.94
CA LYS B 374 -28.28 6.11 6.42
C LYS B 374 -28.30 5.93 7.92
N LYS B 375 -28.53 7.03 8.63
CA LYS B 375 -28.54 7.02 10.10
C LYS B 375 -29.71 6.20 10.63
N PHE B 376 -30.88 6.36 10.00
CA PHE B 376 -32.08 5.58 10.37
C PHE B 376 -31.81 4.06 10.27
N LEU B 377 -31.13 3.70 9.20
CA LEU B 377 -30.91 2.29 8.89
C LEU B 377 -29.85 1.74 9.84
N LEU B 378 -28.81 2.50 10.15
CA LEU B 378 -27.85 2.02 11.13
C LEU B 378 -28.51 1.81 12.49
N ASP B 379 -29.30 2.79 12.91
CA ASP B 379 -30.05 2.67 14.17
C ASP B 379 -30.96 1.44 14.16
N GLN B 380 -31.64 1.19 13.04
CA GLN B 380 -32.50 0.02 12.91
C GLN B 380 -31.70 -1.29 13.00
N LEU B 381 -30.56 -1.34 12.31
CA LEU B 381 -29.68 -2.51 12.34
C LEU B 381 -29.25 -2.90 13.76
N VAL B 382 -28.90 -1.91 14.57
CA VAL B 382 -28.46 -2.16 15.94
C VAL B 382 -29.67 -2.46 16.82
N ALA B 383 -30.83 -1.86 16.50
CA ALA B 383 -32.03 -2.08 17.31
C ALA B 383 -32.63 -3.46 17.06
N CYS B 384 -32.36 -4.02 15.88
CA CYS B 384 -32.95 -5.28 15.44
C CYS B 384 -31.96 -6.44 15.50
N ASP B 385 -31.00 -6.38 16.43
CA ASP B 385 -30.04 -7.46 16.60
C ASP B 385 -30.43 -8.59 17.57
N GLY B 386 -31.62 -8.56 18.13
CA GLY B 386 -32.06 -9.58 19.11
C GLY B 386 -31.23 -9.59 20.38
N GLY B 387 -30.56 -8.46 20.64
CA GLY B 387 -29.68 -8.34 21.82
C GLY B 387 -28.32 -9.01 21.70
N THR B 388 -27.93 -9.43 20.49
CA THR B 388 -26.68 -10.18 20.26
C THR B 388 -25.47 -9.31 19.94
N GLY B 389 -25.71 -8.08 19.51
CA GLY B 389 -24.63 -7.16 19.14
C GLY B 389 -23.92 -7.50 17.86
N VAL B 390 -24.51 -8.37 17.04
CA VAL B 390 -23.96 -8.70 15.70
C VAL B 390 -25.12 -8.79 14.70
N MET B 391 -24.78 -8.98 13.42
CA MET B 391 -25.76 -8.99 12.34
C MET B 391 -26.11 -10.42 11.98
N HIS B 392 -27.39 -10.66 11.73
CA HIS B 392 -27.85 -11.98 11.30
C HIS B 392 -28.16 -12.05 9.81
N GLU B 393 -28.46 -13.26 9.36
CA GLU B 393 -28.84 -13.46 7.94
C GLU B 393 -30.20 -12.82 7.72
N SER B 394 -31.17 -13.15 8.57
CA SER B 394 -32.49 -12.54 8.47
C SER B 394 -33.13 -12.49 9.85
N PHE B 395 -34.08 -11.58 10.06
CA PHE B 395 -34.80 -11.47 11.34
C PHE B 395 -36.28 -11.15 11.10
N HIS B 396 -37.15 -11.62 11.99
CA HIS B 396 -38.60 -11.42 11.80
C HIS B 396 -38.99 -9.97 12.04
N VAL B 397 -39.69 -9.36 11.07
CA VAL B 397 -40.07 -7.94 11.18
C VAL B 397 -40.84 -7.56 12.44
N ASP B 398 -41.52 -8.54 13.05
CA ASP B 398 -42.31 -8.32 14.26
C ASP B 398 -41.61 -8.70 15.56
N ASP B 399 -40.43 -9.29 15.44
CA ASP B 399 -39.65 -9.79 16.59
C ASP B 399 -38.23 -10.20 16.18
N PRO B 400 -37.25 -9.28 16.28
CA PRO B 400 -35.90 -9.55 15.81
C PRO B 400 -35.16 -10.56 16.68
N THR B 401 -35.75 -11.02 17.80
CA THR B 401 -35.12 -12.17 18.51
C THR B 401 -35.34 -13.48 17.79
N LEU B 402 -36.24 -13.45 16.80
CA LEU B 402 -36.38 -14.55 15.85
C LEU B 402 -35.50 -14.22 14.64
N TYR B 403 -34.47 -15.01 14.43
CA TYR B 403 -33.54 -14.73 13.33
C TYR B 403 -32.83 -15.99 12.85
N SER B 404 -32.22 -15.90 11.69
CA SER B 404 -31.42 -16.99 11.18
C SER B 404 -29.95 -16.57 11.15
N ARG B 405 -29.09 -17.57 11.30
CA ARG B 405 -27.64 -17.46 11.32
C ARG B 405 -27.08 -16.62 12.49
N GLU B 406 -26.63 -17.32 13.53
CA GLU B 406 -25.97 -16.68 14.67
C GLU B 406 -24.74 -15.89 14.27
N TRP B 407 -23.92 -16.50 13.40
CA TRP B 407 -22.61 -15.96 12.96
C TRP B 407 -22.54 -15.91 11.45
N PHE B 408 -22.69 -14.70 10.94
CA PHE B 408 -22.72 -14.48 9.50
C PHE B 408 -21.79 -13.31 9.20
N SER B 409 -20.55 -13.65 8.89
CA SER B 409 -19.48 -12.65 8.76
C SER B 409 -19.75 -11.62 7.66
N TRP B 410 -20.32 -12.04 6.53
CA TRP B 410 -20.64 -11.06 5.48
C TRP B 410 -21.61 -10.00 5.99
N ALA B 411 -22.69 -10.44 6.66
CA ALA B 411 -23.63 -9.45 7.19
C ALA B 411 -22.98 -8.49 8.18
N ASN B 412 -22.10 -9.03 9.02
CA ASN B 412 -21.35 -8.21 9.96
C ASN B 412 -20.54 -7.17 9.24
N MET B 413 -19.94 -7.57 8.11
CA MET B 413 -19.06 -6.62 7.39
C MET B 413 -19.87 -5.61 6.57
N MET B 414 -21.10 -5.95 6.20
CA MET B 414 -21.94 -4.96 5.52
C MET B 414 -22.38 -3.86 6.49
N PHE B 415 -22.65 -4.21 7.77
CA PHE B 415 -22.88 -3.18 8.78
C PHE B 415 -21.66 -2.20 8.85
N CYS B 416 -20.46 -2.77 8.88
CA CYS B 416 -19.21 -2.00 8.91
C CYS B 416 -19.12 -1.06 7.68
N GLU B 417 -19.47 -1.56 6.50
CA GLU B 417 -19.43 -0.71 5.27
C GLU B 417 -20.30 0.52 5.46
N LEU B 418 -21.52 0.32 5.97
CA LEU B 418 -22.43 1.47 6.11
C LEU B 418 -21.99 2.45 7.19
N VAL B 419 -21.41 1.94 8.26
CA VAL B 419 -20.82 2.86 9.27
C VAL B 419 -19.72 3.71 8.61
N LEU B 420 -18.82 3.04 7.89
CA LEU B 420 -17.72 3.77 7.25
C LEU B 420 -18.23 4.82 6.26
N ASP B 421 -19.26 4.46 5.50
CA ASP B 421 -19.89 5.39 4.55
C ASP B 421 -20.51 6.57 5.28
N TYR B 422 -21.19 6.30 6.40
CA TYR B 422 -21.78 7.40 7.17
C TYR B 422 -20.70 8.39 7.66
N LEU B 423 -19.53 7.84 8.00
CA LEU B 423 -18.43 8.62 8.55
C LEU B 423 -17.53 9.24 7.47
N ASP B 424 -17.91 9.07 6.21
CA ASP B 424 -17.13 9.54 5.06
C ASP B 424 -15.70 8.96 5.12
N ILE B 425 -15.61 7.70 5.52
CA ILE B 425 -14.33 7.00 5.49
C ILE B 425 -14.28 6.27 4.19
N ARG B 426 -13.47 6.85 3.32
CA ARG B 426 -13.46 6.57 1.90
C ARG B 426 -12.03 6.65 1.39
C4 DMJ C . 15.90 10.47 9.02
O4 DMJ C . 16.19 11.64 8.33
C3 DMJ C . 17.09 10.14 9.92
O3 DMJ C . 18.18 9.80 9.05
C2 DMJ C . 16.77 8.97 10.81
O2 DMJ C . 16.57 7.77 10.00
C1 DMJ C . 15.48 9.30 11.58
N5 DMJ C . 14.35 9.46 10.63
C5 DMJ C . 14.57 10.68 9.81
C6 DMJ C . 13.40 10.96 8.82
O6 DMJ C . 13.13 9.76 8.06
C1 EDO D . 31.20 35.72 -13.13
O1 EDO D . 29.98 35.65 -13.90
C2 EDO D . 32.11 34.52 -13.42
O2 EDO D . 33.29 34.51 -12.58
C1 EDO E . 22.66 5.80 -8.87
O1 EDO E . 21.74 5.39 -7.86
C2 EDO E . 22.31 7.15 -9.48
O2 EDO E . 23.58 7.70 -9.88
C1 EDO F . 17.40 -1.57 -16.81
O1 EDO F . 18.13 -0.77 -17.74
C2 EDO F . 16.27 -2.29 -17.52
O2 EDO F . 16.75 -2.88 -18.74
C1 EDO G . -36.60 -32.17 -13.69
O1 EDO G . -37.22 -32.36 -12.42
C2 EDO G . -37.75 -31.79 -14.59
O2 EDO G . -38.14 -30.44 -14.32
C1 EDO H . -22.23 9.38 -7.44
O1 EDO H . -21.26 10.41 -7.15
C2 EDO H . -22.05 8.85 -8.87
O2 EDO H . -23.01 9.44 -9.77
C1 EDO I . -9.83 6.69 10.38
O1 EDO I . -9.74 8.10 10.66
C2 EDO I . -10.24 6.44 8.95
O2 EDO I . -9.36 7.11 8.02
C4 DMJ J . -24.12 -16.90 0.80
O4 DMJ J . -23.04 -16.97 -0.11
C3 DMJ J . -25.39 -16.61 -0.02
O3 DMJ J . -25.15 -15.36 -0.62
C2 DMJ J . -26.60 -16.58 0.91
O2 DMJ J . -26.47 -15.51 1.88
C1 DMJ J . -26.72 -17.94 1.63
N5 DMJ J . -25.47 -18.25 2.36
C5 DMJ J . -24.23 -18.20 1.57
C6 DMJ J . -22.95 -18.45 2.45
O6 DMJ J . -22.84 -17.44 3.47
#